data_7TH2
#
_entry.id   7TH2
#
_cell.length_a   60.644
_cell.length_b   63.812
_cell.length_c   99.298
_cell.angle_alpha   90.000
_cell.angle_beta   107.120
_cell.angle_gamma   90.000
#
_symmetry.space_group_name_H-M   'P 1 21 1'
#
loop_
_entity.id
_entity.type
_entity.pdbx_description
1 polymer 'Ricin A chain'
2 polymer 'VHH antibody'
3 non-polymer 'CHLORIDE ION'
4 non-polymer '2-(N-MORPHOLINO)-ETHANESULFONIC ACID'
5 non-polymer 'SULFATE ION'
6 non-polymer 1,2-ETHANEDIOL
7 water water
#
loop_
_entity_poly.entity_id
_entity_poly.type
_entity_poly.pdbx_seq_one_letter_code
_entity_poly.pdbx_strand_id
1 'polypeptide(L)'
;AMIFPKQYPIINFTTAGATVQSYTNFIRAVRGRLTTGADVRHEIPVLPNRVGLPINQRFILVELSNHAELSVTLALDVTN
AYVVGYRAGNSAYFFHPDNQEDAEAITHLFTDVQNRYTFAFGGNYDRLEQLAGNLRENIELGNGPLEEAISALYYYSTGG
TQLPTLARSFIICIQMISEAARFQYIEGEMRTRIRYNRRSAPDPSVITLENSWGRLSTAIQESNQGAFASPIQLQRRNGS
KFSVYDVSILIPIIALMVYRCAPPPSSQF
;
A,B
2 'polypeptide(L)'
;QVQLAESGGGLVQPGGSLRLSCVASPSLDYYGIGWFRQAPGKEREGVSCITGSEGSTYYADSVKGRFTISRDNAKNTVFL
QMDSLKPEDTAVYYCAAADPLPLVCTWGDEYDYWGQGTQVTVSSEPKTPKPQ
;
C,D
#
loop_
_chem_comp.id
_chem_comp.type
_chem_comp.name
_chem_comp.formula
CL non-polymer 'CHLORIDE ION' 'Cl -1'
EDO non-polymer 1,2-ETHANEDIOL 'C2 H6 O2'
MES non-polymer '2-(N-MORPHOLINO)-ETHANESULFONIC ACID' 'C6 H13 N O4 S'
SO4 non-polymer 'SULFATE ION' 'O4 S -2'
#
# COMPACT_ATOMS: atom_id res chain seq x y z
N ALA A 1 -4.99 -12.27 40.02
CA ALA A 1 -4.38 -11.88 38.72
C ALA A 1 -3.08 -12.65 38.51
N MET A 2 -2.75 -12.98 37.27
CA MET A 2 -1.51 -13.67 36.98
C MET A 2 -0.42 -12.68 36.58
N ILE A 3 0.79 -12.92 37.06
CA ILE A 3 1.95 -12.09 36.75
C ILE A 3 2.84 -12.86 35.79
N PHE A 4 3.06 -12.29 34.61
CA PHE A 4 3.89 -12.91 33.59
C PHE A 4 5.23 -12.20 33.44
N PRO A 5 6.34 -12.93 33.22
CA PRO A 5 7.56 -12.25 32.77
C PRO A 5 7.31 -11.52 31.46
N LYS A 6 8.02 -10.40 31.28
CA LYS A 6 7.86 -9.59 30.07
C LYS A 6 8.42 -10.34 28.87
N GLN A 7 7.93 -9.97 27.69
CA GLN A 7 8.31 -10.58 26.43
C GLN A 7 8.65 -9.50 25.40
N TYR A 8 9.61 -9.82 24.52
CA TYR A 8 9.84 -8.92 23.39
C TYR A 8 9.15 -9.47 22.14
N PRO A 9 8.70 -8.58 21.25
CA PRO A 9 7.98 -9.03 20.05
C PRO A 9 8.87 -9.80 19.09
N ILE A 10 8.26 -10.78 18.43
CA ILE A 10 8.93 -11.68 17.50
C ILE A 10 8.41 -11.42 16.10
N ILE A 11 9.31 -11.32 15.13
CA ILE A 11 8.98 -11.33 13.71
C ILE A 11 9.56 -12.60 13.09
N ASN A 12 8.73 -13.32 12.32
CA ASN A 12 9.14 -14.57 11.67
C ASN A 12 9.70 -14.36 10.27
N PHE A 13 10.71 -15.18 9.92
CA PHE A 13 11.10 -15.37 8.52
C PHE A 13 11.60 -16.79 8.34
N THR A 14 11.27 -17.38 7.20
CA THR A 14 11.81 -18.68 6.84
C THR A 14 12.43 -18.64 5.46
N THR A 15 13.58 -19.30 5.33
CA THR A 15 14.17 -19.50 4.02
C THR A 15 13.46 -20.58 3.24
N ALA A 16 12.70 -21.44 3.91
CA ALA A 16 11.99 -22.53 3.24
C ALA A 16 10.95 -21.95 2.29
N GLY A 17 11.19 -22.07 1.00
CA GLY A 17 10.26 -21.54 0.02
C GLY A 17 10.17 -20.04 -0.01
N ALA A 18 11.23 -19.34 0.41
CA ALA A 18 11.20 -17.89 0.44
C ALA A 18 10.96 -17.29 -0.94
N THR A 19 10.25 -16.16 -0.95
CA THR A 19 9.95 -15.44 -2.19
C THR A 19 10.31 -13.97 -2.03
N VAL A 20 10.27 -13.24 -3.14
CA VAL A 20 10.47 -11.80 -3.04
C VAL A 20 9.41 -11.18 -2.14
N GLN A 21 8.18 -11.69 -2.18
CA GLN A 21 7.12 -11.15 -1.33
C GLN A 21 7.36 -11.49 0.14
N SER A 22 7.72 -12.73 0.45
CA SER A 22 7.88 -13.08 1.86
C SER A 22 9.07 -12.35 2.48
N TYR A 23 10.14 -12.14 1.71
CA TYR A 23 11.26 -11.41 2.24
C TYR A 23 10.93 -9.94 2.42
N THR A 24 10.21 -9.35 1.44
CA THR A 24 9.82 -7.95 1.55
C THR A 24 8.89 -7.76 2.74
N ASN A 25 7.93 -8.67 2.89
CA ASN A 25 7.00 -8.59 4.03
C ASN A 25 7.75 -8.63 5.35
N PHE A 26 8.78 -9.47 5.42
CA PHE A 26 9.57 -9.61 6.63
C PHE A 26 10.33 -8.32 6.95
N ILE A 27 11.01 -7.77 5.96
CA ILE A 27 11.76 -6.54 6.21
C ILE A 27 10.82 -5.41 6.61
N ARG A 28 9.65 -5.33 5.97
CA ARG A 28 8.70 -4.27 6.32
C ARG A 28 8.23 -4.44 7.76
N ALA A 29 8.01 -5.69 8.18
CA ALA A 29 7.57 -5.94 9.55
C ALA A 29 8.65 -5.58 10.55
N VAL A 30 9.91 -5.93 10.25
CA VAL A 30 11.04 -5.54 11.11
C VAL A 30 11.11 -4.02 11.24
N ARG A 31 11.02 -3.30 10.11
CA ARG A 31 11.03 -1.84 10.18
C ARG A 31 9.90 -1.32 11.04
N GLY A 32 8.72 -1.92 10.90
CA GLY A 32 7.57 -1.44 11.63
C GLY A 32 7.73 -1.58 13.13
N ARG A 33 8.35 -2.68 13.57
CA ARG A 33 8.60 -2.89 14.98
C ARG A 33 9.74 -2.03 15.50
N LEU A 34 10.61 -1.57 14.61
CA LEU A 34 11.70 -0.69 15.03
C LEU A 34 11.26 0.77 15.18
N THR A 35 10.19 1.19 14.50
CA THR A 35 9.87 2.61 14.33
C THR A 35 8.50 3.01 14.87
N THR A 36 7.87 2.20 15.73
CA THR A 36 6.54 2.55 16.25
C THR A 36 6.61 3.84 17.07
N GLY A 37 5.83 4.84 16.67
CA GLY A 37 5.82 6.12 17.34
C GLY A 37 7.11 6.90 17.18
N ALA A 38 7.97 6.50 16.24
CA ALA A 38 9.29 7.09 16.12
C ALA A 38 9.22 8.48 15.51
N ASP A 39 10.29 9.22 15.72
CA ASP A 39 10.44 10.52 15.12
C ASP A 39 10.83 10.31 13.67
N VAL A 40 10.41 11.23 12.81
CA VAL A 40 10.74 11.18 11.39
C VAL A 40 11.37 12.50 11.01
N ARG A 41 12.57 12.42 10.43
CA ARG A 41 13.37 13.57 10.04
C ARG A 41 13.63 13.49 8.54
N HIS A 42 13.19 14.50 7.80
CA HIS A 42 13.36 14.52 6.35
C HIS A 42 12.82 13.23 5.72
N GLU A 43 11.64 12.82 6.18
CA GLU A 43 10.92 11.63 5.73
C GLU A 43 11.55 10.32 6.18
N ILE A 44 12.60 10.36 6.98
CA ILE A 44 13.33 9.14 7.35
C ILE A 44 13.10 8.88 8.83
N PRO A 45 12.59 7.71 9.21
CA PRO A 45 12.42 7.42 10.64
C PRO A 45 13.75 7.35 11.36
N VAL A 46 13.75 7.85 12.60
CA VAL A 46 14.90 7.82 13.49
C VAL A 46 14.65 6.76 14.55
N LEU A 47 15.62 5.89 14.74
CA LEU A 47 15.48 4.90 15.78
C LEU A 47 15.53 5.56 17.16
N PRO A 48 14.97 4.90 18.17
CA PRO A 48 14.94 5.51 19.51
C PRO A 48 16.34 5.78 20.05
N ASN A 49 16.44 6.87 20.80
CA ASN A 49 17.66 7.19 21.54
C ASN A 49 17.87 6.15 22.64
N ARG A 50 19.08 5.61 22.71
CA ARG A 50 19.40 4.62 23.73
C ARG A 50 19.23 5.21 25.13
N VAL A 51 19.52 6.49 25.29
CA VAL A 51 19.42 7.14 26.60
C VAL A 51 17.94 7.34 26.92
N GLY A 52 17.49 6.80 28.04
CA GLY A 52 16.10 6.92 28.43
C GLY A 52 15.15 5.90 27.83
N LEU A 53 15.64 4.98 27.01
CA LEU A 53 14.77 3.97 26.44
C LEU A 53 14.51 2.88 27.48
N PRO A 54 13.26 2.61 27.84
CA PRO A 54 13.00 1.58 28.85
C PRO A 54 13.43 0.21 28.41
N ILE A 55 13.86 -0.60 29.37
CA ILE A 55 14.40 -1.91 29.02
C ILE A 55 13.34 -2.78 28.36
N ASN A 56 12.07 -2.63 28.76
CA ASN A 56 11.06 -3.48 28.15
C ASN A 56 10.74 -3.09 26.73
N GLN A 57 11.35 -2.03 26.19
CA GLN A 57 11.19 -1.70 24.77
C GLN A 57 12.52 -1.77 24.01
N ARG A 58 13.57 -2.35 24.61
CA ARG A 58 14.91 -2.22 24.03
C ARG A 58 15.19 -3.17 22.87
N PHE A 59 14.49 -4.29 22.77
CA PHE A 59 14.87 -5.34 21.81
C PHE A 59 13.65 -5.80 21.03
N ILE A 60 13.90 -6.31 19.83
CA ILE A 60 12.93 -7.08 19.07
C ILE A 60 13.63 -8.38 18.69
N LEU A 61 12.84 -9.39 18.40
CA LEU A 61 13.35 -10.73 18.13
C LEU A 61 13.00 -11.12 16.69
N VAL A 62 13.95 -11.74 15.99
CA VAL A 62 13.73 -12.30 14.67
C VAL A 62 13.88 -13.81 14.76
N GLU A 63 12.78 -14.54 14.58
CA GLU A 63 12.80 -16.00 14.61
C GLU A 63 12.99 -16.50 13.20
N LEU A 64 14.13 -17.13 12.94
CA LEU A 64 14.51 -17.63 11.63
C LEU A 64 14.33 -19.14 11.56
N SER A 65 13.69 -19.61 10.50
CA SER A 65 13.55 -21.03 10.25
C SER A 65 14.08 -21.32 8.86
N ASN A 66 14.33 -22.59 8.58
CA ASN A 66 14.89 -22.97 7.30
C ASN A 66 14.24 -24.26 6.82
N HIS A 67 14.71 -24.72 5.65
CA HIS A 67 14.18 -25.95 5.07
C HIS A 67 14.48 -27.16 5.95
N ALA A 68 15.55 -27.09 6.73
CA ALA A 68 15.84 -28.17 7.68
C ALA A 68 14.89 -28.19 8.86
N GLU A 69 13.98 -27.23 8.93
CA GLU A 69 12.97 -27.12 9.99
C GLU A 69 13.61 -26.80 11.34
N LEU A 70 14.75 -26.15 11.31
CA LEU A 70 15.39 -25.63 12.51
C LEU A 70 14.92 -24.21 12.75
N SER A 71 15.02 -23.75 14.00
CA SER A 71 14.67 -22.39 14.36
C SER A 71 15.76 -21.82 15.24
N VAL A 72 16.17 -20.59 14.95
CA VAL A 72 17.03 -19.82 15.83
C VAL A 72 16.42 -18.44 15.94
N THR A 73 16.58 -17.80 17.09
CA THR A 73 16.03 -16.46 17.31
C THR A 73 17.16 -15.47 17.56
N LEU A 74 17.27 -14.45 16.70
CA LEU A 74 18.23 -13.37 16.87
C LEU A 74 17.59 -12.22 17.63
N ALA A 75 18.38 -11.60 18.49
CA ALA A 75 17.93 -10.40 19.19
C ALA A 75 18.55 -9.17 18.52
N LEU A 76 17.69 -8.21 18.18
CA LEU A 76 18.10 -6.93 17.59
C LEU A 76 17.91 -5.81 18.61
N ASP A 77 18.91 -4.94 18.74
CA ASP A 77 18.82 -3.74 19.55
C ASP A 77 18.03 -2.69 18.75
N VAL A 78 16.92 -2.18 19.31
CA VAL A 78 16.08 -1.28 18.53
C VAL A 78 16.77 0.07 18.27
N THR A 79 17.81 0.40 19.03
CA THR A 79 18.48 1.67 18.84
C THR A 79 19.41 1.67 17.64
N ASN A 80 19.78 0.51 17.12
CA ASN A 80 20.64 0.49 15.94
C ASN A 80 20.33 -0.66 14.99
N ALA A 81 19.27 -1.42 15.25
CA ALA A 81 18.81 -2.53 14.42
C ALA A 81 19.81 -3.67 14.33
N TYR A 82 20.82 -3.71 15.18
CA TYR A 82 21.91 -4.67 15.04
C TYR A 82 21.72 -5.87 15.96
N VAL A 83 22.29 -7.00 15.56
CA VAL A 83 22.17 -8.25 16.31
C VAL A 83 23.07 -8.20 17.55
N VAL A 84 22.51 -8.52 18.72
CA VAL A 84 23.30 -8.56 19.95
C VAL A 84 23.53 -9.97 20.47
N GLY A 85 22.81 -10.96 19.94
CA GLY A 85 22.93 -12.35 20.38
C GLY A 85 21.85 -13.19 19.73
N TYR A 86 21.86 -14.47 20.07
CA TYR A 86 20.83 -15.35 19.56
C TYR A 86 20.57 -16.49 20.53
N ARG A 87 19.43 -17.16 20.30
CA ARG A 87 19.00 -18.34 21.05
C ARG A 87 18.80 -19.51 20.11
N ALA A 88 19.29 -20.69 20.51
CA ALA A 88 19.02 -21.91 19.76
C ALA A 88 18.75 -23.02 20.77
N GLY A 89 17.56 -23.59 20.73
CA GLY A 89 17.19 -24.61 21.69
C GLY A 89 17.20 -24.02 23.09
N ASN A 90 17.98 -24.63 23.97
CA ASN A 90 18.05 -24.24 25.37
C ASN A 90 19.35 -23.50 25.69
N SER A 91 19.92 -22.80 24.72
CA SER A 91 21.13 -22.02 24.93
C SER A 91 20.98 -20.65 24.26
N ALA A 92 21.58 -19.64 24.87
CA ALA A 92 21.66 -18.31 24.31
C ALA A 92 23.10 -17.83 24.31
N TYR A 93 23.44 -17.04 23.29
CA TYR A 93 24.80 -16.56 23.07
C TYR A 93 24.77 -15.06 22.78
N PHE A 94 25.66 -14.30 23.40
CA PHE A 94 25.67 -12.85 23.28
C PHE A 94 27.06 -12.34 22.90
N PHE A 95 27.11 -11.36 21.98
CA PHE A 95 28.38 -10.66 21.75
C PHE A 95 28.79 -9.91 23.01
N HIS A 96 30.09 -9.69 23.17
CA HIS A 96 30.55 -8.97 24.33
C HIS A 96 29.93 -7.57 24.35
N PRO A 97 29.28 -7.15 25.43
CA PRO A 97 28.69 -5.81 25.46
C PRO A 97 29.76 -4.72 25.42
N ASP A 98 29.37 -3.55 24.93
CA ASP A 98 30.31 -2.43 24.85
C ASP A 98 30.43 -1.70 26.17
N ASN A 99 29.47 -1.85 27.07
CA ASN A 99 29.54 -1.15 28.34
C ASN A 99 28.66 -1.88 29.35
N GLN A 100 28.70 -1.40 30.59
CA GLN A 100 28.02 -2.09 31.68
C GLN A 100 26.51 -1.92 31.58
N GLU A 101 26.06 -0.80 31.02
CA GLU A 101 24.62 -0.60 30.83
C GLU A 101 24.08 -1.59 29.79
N ASP A 102 24.79 -1.74 28.66
CA ASP A 102 24.38 -2.74 27.68
C ASP A 102 24.51 -4.16 28.24
N ALA A 103 25.51 -4.41 29.08
CA ALA A 103 25.63 -5.72 29.71
C ALA A 103 24.41 -6.02 30.59
N GLU A 104 23.91 -5.01 31.29
CA GLU A 104 22.70 -5.20 32.10
C GLU A 104 21.47 -5.43 31.21
N ALA A 105 21.36 -4.69 30.10
CA ALA A 105 20.22 -4.84 29.22
C ALA A 105 20.09 -6.27 28.69
N ILE A 106 21.19 -6.88 28.24
CA ILE A 106 21.10 -8.21 27.64
C ILE A 106 20.70 -9.29 28.65
N THR A 107 20.82 -9.04 29.95
CA THR A 107 20.34 -10.03 30.91
C THR A 107 18.83 -10.24 30.82
N HIS A 108 18.12 -9.32 30.19
CA HIS A 108 16.67 -9.45 30.04
C HIS A 108 16.29 -10.24 28.78
N LEU A 109 17.25 -10.65 27.98
CA LEU A 109 16.97 -11.44 26.79
C LEU A 109 17.02 -12.94 27.08
N PHE A 110 16.05 -13.68 26.51
CA PHE A 110 16.05 -15.14 26.50
C PHE A 110 16.08 -15.71 27.91
N THR A 111 15.14 -15.23 28.75
CA THR A 111 15.08 -15.62 30.15
C THR A 111 14.43 -16.98 30.39
N ASP A 112 14.33 -17.82 29.36
CA ASP A 112 13.88 -19.21 29.51
C ASP A 112 14.96 -20.25 29.22
N VAL A 113 16.16 -19.83 28.82
CA VAL A 113 17.23 -20.79 28.51
C VAL A 113 17.95 -21.24 29.76
N GLN A 114 18.46 -22.48 29.73
CA GLN A 114 19.26 -23.00 30.84
C GLN A 114 20.75 -22.74 30.67
N ASN A 115 21.23 -22.41 29.46
CA ASN A 115 22.66 -22.16 29.22
C ASN A 115 22.83 -20.81 28.56
N ARG A 116 23.55 -19.89 29.22
CA ARG A 116 23.81 -18.56 28.68
C ARG A 116 25.32 -18.37 28.55
N TYR A 117 25.73 -17.85 27.39
CA TYR A 117 27.14 -17.61 27.08
C TYR A 117 27.34 -16.20 26.53
N THR A 118 28.50 -15.63 26.85
CA THR A 118 28.94 -14.36 26.29
C THR A 118 30.27 -14.60 25.58
N PHE A 119 30.33 -14.25 24.31
CA PHE A 119 31.58 -14.25 23.57
C PHE A 119 32.50 -13.16 24.10
N ALA A 120 33.80 -13.45 24.09
CA ALA A 120 34.78 -12.46 24.53
C ALA A 120 34.92 -11.32 23.54
N PHE A 121 34.45 -11.52 22.32
CA PHE A 121 34.57 -10.57 21.23
C PHE A 121 33.21 -9.93 20.96
N GLY A 122 33.26 -8.75 20.36
CA GLY A 122 32.04 -8.06 19.96
C GLY A 122 31.60 -8.51 18.57
N GLY A 123 30.49 -7.93 18.12
CA GLY A 123 29.86 -8.31 16.87
C GLY A 123 30.06 -7.39 15.69
N ASN A 124 31.01 -6.46 15.76
CA ASN A 124 31.27 -5.58 14.63
C ASN A 124 31.91 -6.37 13.49
N TYR A 125 31.78 -5.86 12.28
CA TYR A 125 32.24 -6.61 11.10
C TYR A 125 33.73 -6.89 11.14
N ASP A 126 34.54 -5.92 11.57
N ASP A 126 34.54 -5.93 11.58
CA ASP A 126 35.98 -6.12 11.58
CA ASP A 126 35.99 -6.12 11.57
C ASP A 126 36.33 -7.40 12.33
C ASP A 126 36.37 -7.36 12.35
N ARG A 127 35.79 -7.53 13.54
CA ARG A 127 36.12 -8.67 14.38
C ARG A 127 35.58 -9.97 13.77
N LEU A 128 34.34 -9.95 13.30
CA LEU A 128 33.75 -11.17 12.74
C LEU A 128 34.48 -11.62 11.50
N GLU A 129 34.87 -10.68 10.63
CA GLU A 129 35.68 -11.04 9.46
C GLU A 129 36.98 -11.69 9.87
N GLN A 130 37.61 -11.18 10.94
CA GLN A 130 38.86 -11.77 11.41
C GLN A 130 38.64 -13.23 11.81
N LEU A 131 37.61 -13.47 12.62
CA LEU A 131 37.33 -14.83 13.07
C LEU A 131 36.91 -15.73 11.90
N ALA A 132 36.13 -15.18 10.97
CA ALA A 132 35.67 -15.99 9.85
C ALA A 132 36.78 -16.28 8.84
N GLY A 133 37.83 -15.47 8.83
CA GLY A 133 38.89 -15.66 7.87
C GLY A 133 38.56 -15.14 6.50
N ASN A 134 37.53 -14.30 6.38
CA ASN A 134 37.13 -13.74 5.09
C ASN A 134 36.50 -12.39 5.33
N LEU A 135 36.74 -11.46 4.40
CA LEU A 135 36.05 -10.19 4.41
C LEU A 135 34.64 -10.33 3.84
N ARG A 136 33.79 -9.36 4.16
CA ARG A 136 32.44 -9.33 3.59
C ARG A 136 32.46 -9.44 2.07
N GLU A 137 33.48 -8.87 1.43
CA GLU A 137 33.55 -8.86 -0.04
C GLU A 137 33.72 -10.24 -0.63
N ASN A 138 34.08 -11.24 0.19
CA ASN A 138 34.29 -12.60 -0.27
C ASN A 138 33.32 -13.60 0.38
N ILE A 139 32.27 -13.11 1.03
CA ILE A 139 31.29 -13.99 1.66
C ILE A 139 29.98 -13.86 0.89
N GLU A 140 29.55 -14.93 0.24
CA GLU A 140 28.35 -14.85 -0.58
C GLU A 140 27.09 -14.76 0.26
N LEU A 141 26.14 -13.94 -0.22
CA LEU A 141 24.84 -13.73 0.41
C LEU A 141 23.72 -14.23 -0.50
N GLY A 142 22.59 -14.53 0.12
CA GLY A 142 21.44 -15.06 -0.59
C GLY A 142 20.66 -16.02 0.29
N ASN A 143 19.61 -16.60 -0.29
CA ASN A 143 18.79 -17.54 0.48
C ASN A 143 19.57 -18.80 0.83
N GLY A 144 20.43 -19.28 -0.07
CA GLY A 144 21.24 -20.45 0.19
C GLY A 144 22.17 -20.25 1.37
N PRO A 145 22.95 -19.17 1.33
CA PRO A 145 23.78 -18.83 2.49
C PRO A 145 23.01 -18.66 3.79
N LEU A 146 21.82 -18.07 3.74
CA LEU A 146 21.05 -17.90 4.97
C LEU A 146 20.53 -19.23 5.50
N GLU A 147 20.06 -20.09 4.61
CA GLU A 147 19.64 -21.45 4.97
C GLU A 147 20.74 -22.16 5.76
N GLU A 148 21.96 -22.13 5.24
CA GLU A 148 23.08 -22.79 5.88
C GLU A 148 23.47 -22.09 7.17
N ALA A 149 23.39 -20.76 7.19
CA ALA A 149 23.78 -20.01 8.38
C ALA A 149 22.87 -20.34 9.56
N ILE A 150 21.57 -20.50 9.29
CA ILE A 150 20.63 -20.88 10.34
C ILE A 150 21.00 -22.25 10.93
N SER A 151 21.32 -23.20 10.06
CA SER A 151 21.76 -24.50 10.58
C SER A 151 23.03 -24.39 11.40
N ALA A 152 24.01 -23.60 10.93
CA ALA A 152 25.27 -23.46 11.63
C ALA A 152 25.08 -22.86 13.02
N LEU A 153 24.25 -21.81 13.12
CA LEU A 153 23.95 -21.23 14.43
C LEU A 153 23.27 -22.26 15.33
N TYR A 154 22.34 -23.01 14.77
CA TYR A 154 21.67 -24.04 15.58
C TYR A 154 22.66 -25.05 16.12
N TYR A 155 23.54 -25.55 15.26
CA TYR A 155 24.42 -26.64 15.68
C TYR A 155 25.65 -26.17 16.46
N TYR A 156 25.82 -24.88 16.69
CA TYR A 156 26.94 -24.41 17.48
C TYR A 156 26.92 -25.00 18.90
N SER A 157 25.75 -25.26 19.48
CA SER A 157 25.74 -25.87 20.83
C SER A 157 26.19 -27.32 20.85
N THR A 158 26.12 -28.03 19.72
CA THR A 158 26.40 -29.46 19.68
C THR A 158 27.83 -29.80 19.29
N GLY A 159 28.65 -28.81 18.95
CA GLY A 159 30.02 -29.06 18.52
C GLY A 159 30.17 -29.22 17.03
N GLY A 160 29.08 -29.14 16.28
CA GLY A 160 29.17 -29.30 14.84
C GLY A 160 29.52 -28.04 14.11
N THR A 161 29.60 -26.93 14.83
CA THR A 161 29.99 -25.66 14.25
C THR A 161 31.14 -25.11 15.08
N GLN A 162 32.21 -24.73 14.41
CA GLN A 162 33.32 -24.06 15.06
C GLN A 162 33.19 -22.54 14.87
N LEU A 163 33.98 -21.80 15.65
CA LEU A 163 33.81 -20.35 15.70
C LEU A 163 33.96 -19.66 14.36
N PRO A 164 34.91 -20.03 13.49
CA PRO A 164 35.00 -19.33 12.21
C PRO A 164 33.74 -19.43 11.38
N THR A 165 33.12 -20.60 11.34
CA THR A 165 31.85 -20.77 10.62
C THR A 165 30.73 -20.01 11.31
N LEU A 166 30.73 -20.00 12.63
CA LEU A 166 29.75 -19.18 13.34
C LEU A 166 29.89 -17.70 12.98
N ALA A 167 31.12 -17.19 12.98
CA ALA A 167 31.33 -15.78 12.63
C ALA A 167 30.86 -15.50 11.20
N ARG A 168 31.15 -16.42 10.28
CA ARG A 168 30.65 -16.28 8.92
C ARG A 168 29.14 -16.25 8.90
N SER A 169 28.51 -17.09 9.72
CA SER A 169 27.06 -17.15 9.74
C SER A 169 26.46 -15.88 10.29
N PHE A 170 27.11 -15.26 11.28
CA PHE A 170 26.66 -13.95 11.76
C PHE A 170 26.77 -12.89 10.66
N ILE A 171 27.89 -12.91 9.91
CA ILE A 171 28.08 -11.91 8.86
C ILE A 171 26.92 -11.98 7.87
N ILE A 172 26.51 -13.20 7.52
CA ILE A 172 25.41 -13.40 6.59
C ILE A 172 24.10 -12.87 7.19
N CYS A 173 23.78 -13.30 8.41
CA CYS A 173 22.51 -12.89 9.03
C CYS A 173 22.44 -11.38 9.20
N ILE A 174 23.52 -10.77 9.70
CA ILE A 174 23.49 -9.35 10.01
C ILE A 174 23.22 -8.56 8.73
N GLN A 175 23.86 -8.94 7.64
CA GLN A 175 23.65 -8.19 6.40
C GLN A 175 22.25 -8.41 5.84
N MET A 176 21.75 -9.64 5.86
CA MET A 176 20.46 -9.93 5.27
C MET A 176 19.27 -9.50 6.13
N ILE A 177 19.50 -9.14 7.40
CA ILE A 177 18.45 -8.70 8.30
C ILE A 177 18.69 -7.25 8.73
N SER A 178 19.78 -7.01 9.46
CA SER A 178 20.03 -5.66 10.00
C SER A 178 20.28 -4.63 8.91
N GLU A 179 21.21 -4.91 7.98
CA GLU A 179 21.52 -3.92 6.95
C GLU A 179 20.36 -3.75 5.97
N ALA A 180 19.61 -4.83 5.69
CA ALA A 180 18.44 -4.71 4.82
C ALA A 180 17.36 -3.90 5.49
N ALA A 181 17.20 -4.02 6.80
CA ALA A 181 16.24 -3.17 7.48
C ALA A 181 16.65 -1.71 7.42
N ARG A 182 17.98 -1.44 7.52
CA ARG A 182 18.46 -0.06 7.52
C ARG A 182 18.37 0.61 6.16
N PHE A 183 18.57 -0.14 5.08
CA PHE A 183 18.78 0.40 3.74
C PHE A 183 17.82 -0.24 2.73
N GLN A 184 17.02 0.59 2.06
CA GLN A 184 16.22 0.09 0.95
C GLN A 184 17.11 -0.49 -0.14
N TYR A 185 18.29 0.08 -0.34
CA TYR A 185 19.20 -0.42 -1.37
C TYR A 185 19.62 -1.85 -1.08
N ILE A 186 19.97 -2.15 0.17
CA ILE A 186 20.44 -3.50 0.53
C ILE A 186 19.27 -4.47 0.60
N GLU A 187 18.09 -3.99 1.03
CA GLU A 187 16.88 -4.79 0.89
C GLU A 187 16.71 -5.28 -0.55
N GLY A 188 16.84 -4.36 -1.51
CA GLY A 188 16.70 -4.72 -2.91
C GLY A 188 17.79 -5.69 -3.40
N GLU A 189 19.03 -5.49 -2.95
CA GLU A 189 20.10 -6.42 -3.26
C GLU A 189 19.77 -7.84 -2.81
N MET A 190 19.21 -7.98 -1.60
CA MET A 190 18.91 -9.31 -1.10
C MET A 190 17.69 -9.89 -1.82
N ARG A 191 16.71 -9.04 -2.11
CA ARG A 191 15.52 -9.50 -2.85
C ARG A 191 15.89 -9.98 -4.25
N THR A 192 16.85 -9.33 -4.90
CA THR A 192 17.27 -9.76 -6.22
C THR A 192 17.97 -11.11 -6.18
N ARG A 193 18.78 -11.35 -5.16
CA ARG A 193 19.37 -12.68 -5.01
C ARG A 193 18.27 -13.74 -4.87
N ILE A 194 17.22 -13.44 -4.11
CA ILE A 194 16.12 -14.39 -3.98
C ILE A 194 15.40 -14.58 -5.30
N ARG A 195 15.14 -13.47 -6.00
CA ARG A 195 14.43 -13.51 -7.26
C ARG A 195 15.11 -14.45 -8.25
N TYR A 196 16.43 -14.40 -8.34
CA TYR A 196 17.18 -15.23 -9.29
C TYR A 196 17.67 -16.51 -8.67
N ASN A 197 17.40 -16.75 -7.39
CA ASN A 197 17.86 -17.94 -6.71
C ASN A 197 19.37 -18.12 -6.91
N ARG A 198 20.09 -17.02 -6.77
CA ARG A 198 21.54 -17.01 -6.85
C ARG A 198 22.11 -16.48 -5.55
N ARG A 199 23.35 -16.81 -5.30
CA ARG A 199 24.11 -16.22 -4.22
C ARG A 199 25.29 -15.48 -4.83
N SER A 200 25.70 -14.40 -4.17
CA SER A 200 26.85 -13.63 -4.59
C SER A 200 27.26 -12.69 -3.45
N ALA A 201 28.56 -12.39 -3.39
CA ALA A 201 29.08 -11.49 -2.35
C ALA A 201 28.62 -10.07 -2.61
N PRO A 202 28.53 -9.24 -1.57
CA PRO A 202 28.14 -7.83 -1.77
C PRO A 202 29.23 -7.03 -2.48
N ASP A 203 28.82 -6.16 -3.40
CA ASP A 203 29.80 -5.36 -4.14
C ASP A 203 30.16 -4.13 -3.36
N PRO A 204 31.15 -3.36 -3.83
CA PRO A 204 31.66 -2.24 -3.03
C PRO A 204 30.59 -1.21 -2.68
N SER A 205 29.54 -1.06 -3.49
CA SER A 205 28.52 -0.08 -3.14
C SER A 205 27.76 -0.51 -1.89
N VAL A 206 27.52 -1.82 -1.74
CA VAL A 206 26.84 -2.33 -0.54
C VAL A 206 27.73 -2.17 0.69
N ILE A 207 28.99 -2.58 0.57
CA ILE A 207 29.90 -2.55 1.72
C ILE A 207 30.06 -1.12 2.24
N THR A 208 30.25 -0.16 1.33
CA THR A 208 30.46 1.21 1.76
C THR A 208 29.20 1.78 2.41
N LEU A 209 28.01 1.42 1.90
CA LEU A 209 26.79 1.85 2.57
C LEU A 209 26.76 1.33 3.99
N GLU A 210 27.04 0.04 4.17
CA GLU A 210 27.09 -0.55 5.52
C GLU A 210 28.04 0.26 6.41
N ASN A 211 29.24 0.55 5.92
CA ASN A 211 30.24 1.24 6.71
C ASN A 211 29.87 2.69 6.99
N SER A 212 28.92 3.24 6.25
CA SER A 212 28.65 4.67 6.31
C SER A 212 27.35 5.00 7.02
N TRP A 213 26.64 4.01 7.55
CA TRP A 213 25.31 4.25 8.10
C TRP A 213 25.34 5.30 9.20
N GLY A 214 26.31 5.22 10.12
CA GLY A 214 26.35 6.19 11.21
C GLY A 214 26.62 7.60 10.71
N ARG A 215 27.59 7.73 9.79
CA ARG A 215 27.92 9.03 9.25
C ARG A 215 26.78 9.61 8.41
N LEU A 216 26.03 8.79 7.68
CA LEU A 216 24.88 9.28 6.92
C LEU A 216 23.79 9.75 7.87
N SER A 217 23.55 8.98 8.95
CA SER A 217 22.58 9.40 9.95
C SER A 217 22.94 10.76 10.54
N THR A 218 24.21 10.97 10.85
CA THR A 218 24.67 12.25 11.37
C THR A 218 24.47 13.37 10.35
N ALA A 219 24.88 13.14 9.11
CA ALA A 219 24.79 14.19 8.11
C ALA A 219 23.34 14.61 7.91
N ILE A 220 22.44 13.64 7.80
CA ILE A 220 21.04 13.98 7.59
C ILE A 220 20.51 14.79 8.77
N GLN A 221 20.76 14.35 9.99
CA GLN A 221 20.16 15.03 11.13
C GLN A 221 20.83 16.36 11.46
N GLU A 222 22.05 16.60 10.99
CA GLU A 222 22.71 17.89 11.17
C GLU A 222 22.51 18.83 9.98
N SER A 223 21.82 18.39 8.93
CA SER A 223 21.74 19.16 7.70
C SER A 223 20.98 20.46 7.94
N ASN A 224 21.19 21.38 7.01
CA ASN A 224 20.53 22.67 7.02
C ASN A 224 19.48 22.57 5.92
N GLN A 225 18.22 22.39 6.34
CA GLN A 225 17.10 22.20 5.42
C GLN A 225 17.51 21.23 4.30
N GLY A 226 18.10 20.10 4.72
CA GLY A 226 18.44 19.03 3.81
C GLY A 226 19.82 19.13 3.16
N ALA A 227 20.50 20.26 3.27
CA ALA A 227 21.80 20.43 2.65
C ALA A 227 22.90 20.07 3.65
N PHE A 228 23.86 19.27 3.21
CA PHE A 228 24.90 18.80 4.11
C PHE A 228 25.95 19.89 4.34
N ALA A 229 26.45 19.95 5.57
CA ALA A 229 27.57 20.84 5.87
C ALA A 229 28.79 20.45 5.06
N SER A 230 29.08 19.16 4.99
CA SER A 230 30.16 18.63 4.17
C SER A 230 29.66 17.43 3.40
N PRO A 231 30.08 17.25 2.14
CA PRO A 231 29.61 16.09 1.38
C PRO A 231 30.12 14.78 1.95
N ILE A 232 29.31 13.73 1.78
CA ILE A 232 29.68 12.35 2.12
C ILE A 232 30.05 11.63 0.84
N GLN A 233 31.13 10.85 0.90
CA GLN A 233 31.57 10.04 -0.22
C GLN A 233 30.98 8.63 -0.08
N LEU A 234 30.40 8.13 -1.16
CA LEU A 234 29.93 6.76 -1.27
C LEU A 234 30.64 6.10 -2.46
N GLN A 235 30.41 4.81 -2.65
CA GLN A 235 31.04 4.07 -3.74
C GLN A 235 30.00 3.54 -4.71
N ARG A 236 30.31 3.60 -6.00
CA ARG A 236 29.52 2.92 -7.01
C ARG A 236 29.86 1.44 -7.01
N ARG A 237 29.09 0.67 -7.79
CA ARG A 237 29.30 -0.78 -7.85
C ARG A 237 30.69 -1.13 -8.34
N ASN A 238 31.29 -0.27 -9.18
CA ASN A 238 32.62 -0.55 -9.71
C ASN A 238 33.73 -0.03 -8.81
N GLY A 239 33.38 0.53 -7.65
CA GLY A 239 34.36 0.99 -6.70
C GLY A 239 34.73 2.45 -6.78
N SER A 240 34.32 3.15 -7.83
CA SER A 240 34.62 4.58 -7.93
C SER A 240 33.79 5.36 -6.93
N LYS A 241 34.32 6.49 -6.47
CA LYS A 241 33.65 7.27 -5.45
C LYS A 241 32.87 8.43 -6.05
N PHE A 242 31.77 8.78 -5.39
CA PHE A 242 30.96 9.90 -5.77
C PHE A 242 30.49 10.59 -4.49
N SER A 243 30.17 11.87 -4.63
CA SER A 243 29.81 12.71 -3.49
C SER A 243 28.30 12.91 -3.41
N VAL A 244 27.77 12.96 -2.19
CA VAL A 244 26.37 13.27 -1.94
C VAL A 244 26.29 14.50 -1.04
N TYR A 245 25.52 15.49 -1.46
CA TYR A 245 25.46 16.78 -0.78
C TYR A 245 24.14 17.08 -0.09
N ASP A 246 23.11 16.28 -0.33
CA ASP A 246 21.75 16.64 0.04
C ASP A 246 21.00 15.43 0.55
N VAL A 247 20.08 15.65 1.49
CA VAL A 247 19.26 14.55 1.98
C VAL A 247 18.41 13.94 0.86
N SER A 248 18.02 14.74 -0.15
CA SER A 248 17.07 14.21 -1.14
C SER A 248 17.64 13.00 -1.88
N ILE A 249 18.96 12.95 -2.06
CA ILE A 249 19.58 11.78 -2.69
C ILE A 249 19.50 10.56 -1.80
N LEU A 250 19.52 10.72 -0.47
CA LEU A 250 19.52 9.57 0.43
C LEU A 250 18.14 9.01 0.70
N ILE A 251 17.08 9.76 0.40
CA ILE A 251 15.73 9.33 0.70
C ILE A 251 15.39 7.99 0.05
N PRO A 252 15.75 7.74 -1.21
CA PRO A 252 15.47 6.41 -1.78
C PRO A 252 16.40 5.32 -1.26
N ILE A 253 17.56 5.69 -0.71
CA ILE A 253 18.58 4.71 -0.33
C ILE A 253 18.35 4.15 1.07
N ILE A 254 18.02 5.03 2.02
CA ILE A 254 18.02 4.67 3.44
C ILE A 254 16.58 4.48 3.90
N ALA A 255 16.42 3.62 4.90
CA ALA A 255 15.11 3.36 5.49
C ALA A 255 15.00 3.75 6.96
N LEU A 256 16.11 3.74 7.68
CA LEU A 256 16.15 4.05 9.11
C LEU A 256 17.46 4.72 9.43
N MET A 257 17.47 5.56 10.47
CA MET A 257 18.67 6.24 10.93
C MET A 257 18.84 6.07 12.42
N VAL A 258 20.11 6.05 12.87
CA VAL A 258 20.41 6.04 14.29
C VAL A 258 20.23 7.45 14.83
N TYR A 259 19.77 7.53 16.08
CA TYR A 259 19.52 8.81 16.71
C TYR A 259 20.80 9.61 16.83
N ARG A 260 20.74 10.89 16.41
CA ARG A 260 21.88 11.81 16.52
C ARG A 260 21.51 13.16 17.15
N ALA B 1 11.73 -17.68 -22.47
CA ALA B 1 10.43 -17.16 -21.94
C ALA B 1 9.60 -18.31 -21.38
N MET B 2 8.81 -18.00 -20.35
CA MET B 2 7.93 -18.99 -19.74
C MET B 2 6.52 -18.86 -20.32
N ILE B 3 5.90 -20.02 -20.58
CA ILE B 3 4.54 -20.09 -21.11
C ILE B 3 3.62 -20.58 -20.00
N PHE B 4 2.63 -19.78 -19.68
CA PHE B 4 1.63 -20.10 -18.68
C PHE B 4 0.32 -20.47 -19.37
N PRO B 5 -0.44 -21.41 -18.83
CA PRO B 5 -1.80 -21.60 -19.33
C PRO B 5 -2.59 -20.31 -19.19
N LYS B 6 -3.58 -20.13 -20.06
CA LYS B 6 -4.35 -18.90 -20.04
C LYS B 6 -5.08 -18.79 -18.70
N GLN B 7 -5.13 -17.58 -18.17
CA GLN B 7 -5.75 -17.32 -16.89
C GLN B 7 -6.48 -16.00 -16.97
N TYR B 8 -7.47 -15.85 -16.13
CA TYR B 8 -8.14 -14.57 -15.98
C TYR B 8 -7.24 -13.59 -15.26
N PRO B 9 -7.49 -12.29 -15.39
CA PRO B 9 -6.64 -11.30 -14.73
C PRO B 9 -6.67 -11.49 -13.22
N ILE B 10 -5.51 -11.24 -12.61
CA ILE B 10 -5.32 -11.45 -11.19
C ILE B 10 -4.98 -10.11 -10.57
N ILE B 11 -5.65 -9.79 -9.46
CA ILE B 11 -5.29 -8.67 -8.62
C ILE B 11 -4.80 -9.21 -7.28
N ASN B 12 -3.62 -8.79 -6.86
CA ASN B 12 -3.02 -9.25 -5.60
C ASN B 12 -3.28 -8.26 -4.48
N PHE B 13 -3.49 -8.78 -3.28
CA PHE B 13 -3.54 -7.98 -2.06
C PHE B 13 -3.03 -8.81 -0.91
N THR B 14 -2.30 -8.19 0.02
CA THR B 14 -1.88 -8.91 1.22
C THR B 14 -2.29 -8.08 2.43
N THR B 15 -2.72 -8.78 3.49
CA THR B 15 -2.97 -8.15 4.78
C THR B 15 -1.68 -7.83 5.51
N ALA B 16 -0.55 -8.41 5.09
CA ALA B 16 0.71 -8.19 5.79
C ALA B 16 1.13 -6.73 5.62
N GLY B 17 1.06 -5.95 6.69
CA GLY B 17 1.41 -4.55 6.63
C GLY B 17 0.48 -3.69 5.79
N ALA B 18 -0.77 -4.11 5.61
CA ALA B 18 -1.68 -3.34 4.78
C ALA B 18 -1.83 -1.92 5.29
N THR B 19 -2.03 -0.98 4.36
CA THR B 19 -2.21 0.43 4.66
C THR B 19 -3.47 0.94 3.96
N VAL B 20 -3.88 2.17 4.30
CA VAL B 20 -5.03 2.74 3.58
C VAL B 20 -4.71 2.88 2.09
N GLN B 21 -3.46 3.16 1.76
CA GLN B 21 -3.09 3.25 0.34
C GLN B 21 -3.14 1.89 -0.33
N SER B 22 -2.58 0.84 0.30
CA SER B 22 -2.56 -0.45 -0.37
C SER B 22 -3.96 -1.02 -0.53
N TYR B 23 -4.83 -0.79 0.46
CA TYR B 23 -6.20 -1.25 0.36
C TYR B 23 -6.99 -0.46 -0.68
N THR B 24 -6.84 0.86 -0.69
CA THR B 24 -7.56 1.67 -1.68
C THR B 24 -7.14 1.31 -3.11
N ASN B 25 -5.83 1.18 -3.34
CA ASN B 25 -5.36 0.83 -4.67
C ASN B 25 -5.89 -0.54 -5.09
N PHE B 26 -5.97 -1.46 -4.15
CA PHE B 26 -6.48 -2.79 -4.43
C PHE B 26 -7.95 -2.73 -4.82
N ILE B 27 -8.77 -2.03 -4.04
CA ILE B 27 -10.19 -1.95 -4.40
C ILE B 27 -10.40 -1.26 -5.76
N ARG B 28 -9.63 -0.20 -6.02
CA ARG B 28 -9.77 0.47 -7.30
C ARG B 28 -9.27 -0.40 -8.46
N ALA B 29 -8.27 -1.23 -8.23
CA ALA B 29 -7.79 -2.15 -9.25
C ALA B 29 -8.86 -3.20 -9.55
N VAL B 30 -9.54 -3.69 -8.51
CA VAL B 30 -10.68 -4.59 -8.72
C VAL B 30 -11.77 -3.92 -9.55
N ARG B 31 -12.15 -2.68 -9.18
CA ARG B 31 -13.13 -1.97 -9.99
C ARG B 31 -12.67 -1.84 -11.44
N GLY B 32 -11.40 -1.49 -11.65
CA GLY B 32 -10.90 -1.30 -13.00
C GLY B 32 -10.93 -2.56 -13.84
N ARG B 33 -10.70 -3.72 -13.22
CA ARG B 33 -10.81 -4.98 -13.94
C ARG B 33 -12.26 -5.46 -14.06
N LEU B 34 -13.16 -5.01 -13.20
CA LEU B 34 -14.55 -5.43 -13.32
C LEU B 34 -15.29 -4.68 -14.42
N THR B 35 -14.88 -3.45 -14.72
CA THR B 35 -15.74 -2.52 -15.48
C THR B 35 -15.13 -2.11 -16.81
N THR B 36 -14.01 -1.38 -16.80
CA THR B 36 -13.34 -0.75 -17.94
C THR B 36 -13.83 0.68 -18.14
N GLY B 37 -14.92 1.08 -17.49
CA GLY B 37 -15.41 2.44 -17.54
C GLY B 37 -15.99 2.92 -18.85
N ALA B 38 -16.26 2.02 -19.82
CA ALA B 38 -16.80 2.47 -21.10
C ALA B 38 -18.27 2.88 -20.96
N ASP B 39 -19.08 2.02 -20.33
CA ASP B 39 -20.49 2.30 -20.04
C ASP B 39 -20.62 3.00 -18.69
N VAL B 40 -20.93 4.30 -18.72
CA VAL B 40 -21.08 5.11 -17.52
C VAL B 40 -22.42 5.81 -17.61
N ARG B 41 -23.25 5.66 -16.58
CA ARG B 41 -24.59 6.24 -16.57
C ARG B 41 -24.76 7.09 -15.32
N HIS B 42 -25.09 8.37 -15.52
CA HIS B 42 -25.22 9.30 -14.41
C HIS B 42 -23.97 9.27 -13.54
N GLU B 43 -22.80 9.26 -14.20
CA GLU B 43 -21.50 9.32 -13.55
C GLU B 43 -21.13 8.03 -12.83
N ILE B 44 -21.88 6.96 -13.01
CA ILE B 44 -21.66 5.71 -12.31
C ILE B 44 -21.31 4.62 -13.33
N PRO B 45 -20.18 3.94 -13.19
CA PRO B 45 -19.86 2.85 -14.12
C PRO B 45 -20.83 1.68 -14.01
N VAL B 46 -21.11 1.08 -15.16
CA VAL B 46 -21.96 -0.10 -15.26
C VAL B 46 -21.08 -1.31 -15.58
N LEU B 47 -21.34 -2.42 -14.90
CA LEU B 47 -20.62 -3.67 -15.16
C LEU B 47 -20.99 -4.24 -16.52
N PRO B 48 -20.17 -5.15 -17.04
CA PRO B 48 -20.44 -5.70 -18.38
C PRO B 48 -21.75 -6.46 -18.43
N ASN B 49 -22.42 -6.33 -19.58
CA ASN B 49 -23.60 -7.14 -19.89
C ASN B 49 -23.20 -8.60 -20.02
N ARG B 50 -23.90 -9.47 -19.29
CA ARG B 50 -23.57 -10.89 -19.33
C ARG B 50 -23.77 -11.51 -20.72
N VAL B 51 -24.78 -11.04 -21.44
CA VAL B 51 -25.11 -11.62 -22.74
C VAL B 51 -24.11 -11.17 -23.79
N GLY B 52 -23.54 -12.13 -24.51
CA GLY B 52 -22.52 -11.87 -25.49
C GLY B 52 -21.12 -11.74 -24.91
N LEU B 53 -20.97 -11.88 -23.60
CA LEU B 53 -19.65 -11.75 -22.98
C LEU B 53 -18.86 -13.04 -23.19
N PRO B 54 -17.69 -12.99 -23.84
CA PRO B 54 -16.92 -14.22 -24.02
C PRO B 54 -16.48 -14.80 -22.70
N ILE B 55 -16.41 -16.12 -22.65
CA ILE B 55 -16.11 -16.79 -21.40
C ILE B 55 -14.73 -16.38 -20.89
N ASN B 56 -13.79 -16.12 -21.79
CA ASN B 56 -12.46 -15.70 -21.35
C ASN B 56 -12.44 -14.26 -20.83
N GLN B 57 -13.60 -13.58 -20.78
CA GLN B 57 -13.70 -12.26 -20.18
C GLN B 57 -14.64 -12.25 -18.97
N ARG B 58 -15.10 -13.43 -18.53
CA ARG B 58 -16.21 -13.49 -17.59
C ARG B 58 -15.79 -13.31 -16.13
N PHE B 59 -14.54 -13.59 -15.77
CA PHE B 59 -14.13 -13.63 -14.38
C PHE B 59 -12.84 -12.85 -14.17
N ILE B 60 -12.65 -12.42 -12.94
CA ILE B 60 -11.35 -11.92 -12.49
C ILE B 60 -10.99 -12.67 -11.22
N LEU B 61 -9.70 -12.68 -10.92
CA LEU B 61 -9.18 -13.42 -9.79
C LEU B 61 -8.59 -12.43 -8.80
N VAL B 62 -8.86 -12.64 -7.51
CA VAL B 62 -8.30 -11.84 -6.44
C VAL B 62 -7.45 -12.78 -5.59
N GLU B 63 -6.13 -12.58 -5.66
CA GLU B 63 -5.18 -13.41 -4.91
C GLU B 63 -4.88 -12.73 -3.59
N LEU B 64 -5.29 -13.37 -2.51
CA LEU B 64 -5.16 -12.81 -1.17
C LEU B 64 -4.05 -13.56 -0.43
N SER B 65 -3.14 -12.82 0.18
CA SER B 65 -2.08 -13.39 1.00
C SER B 65 -2.14 -12.73 2.37
N ASN B 66 -1.48 -13.34 3.36
CA ASN B 66 -1.56 -12.80 4.72
C ASN B 66 -0.21 -12.87 5.41
N HIS B 67 -0.19 -12.46 6.68
CA HIS B 67 1.08 -12.43 7.41
C HIS B 67 1.61 -13.85 7.60
N ALA B 68 0.73 -14.84 7.64
CA ALA B 68 1.16 -16.25 7.71
C ALA B 68 1.76 -16.75 6.41
N GLU B 69 1.80 -15.90 5.37
CA GLU B 69 2.36 -16.22 4.06
C GLU B 69 1.57 -17.32 3.36
N LEU B 70 0.29 -17.43 3.68
CA LEU B 70 -0.65 -18.28 2.96
C LEU B 70 -1.33 -17.48 1.87
N SER B 71 -1.75 -18.18 0.82
CA SER B 71 -2.44 -17.53 -0.28
C SER B 71 -3.66 -18.34 -0.69
N VAL B 72 -4.76 -17.63 -0.95
CA VAL B 72 -5.97 -18.20 -1.57
C VAL B 72 -6.40 -17.25 -2.69
N THR B 73 -7.07 -17.80 -3.69
CA THR B 73 -7.53 -16.99 -4.82
C THR B 73 -9.04 -17.08 -4.91
N LEU B 74 -9.73 -15.94 -4.81
CA LEU B 74 -11.17 -15.86 -5.04
C LEU B 74 -11.48 -15.50 -6.49
N ALA B 75 -12.55 -16.07 -7.01
CA ALA B 75 -12.99 -15.73 -8.36
C ALA B 75 -14.22 -14.86 -8.23
N LEU B 76 -14.20 -13.73 -8.93
CA LEU B 76 -15.31 -12.79 -9.00
C LEU B 76 -15.90 -12.82 -10.39
N ASP B 77 -17.23 -12.88 -10.45
CA ASP B 77 -17.97 -12.72 -11.70
C ASP B 77 -18.02 -11.24 -12.08
N VAL B 78 -17.55 -10.88 -13.28
CA VAL B 78 -17.46 -9.46 -13.64
C VAL B 78 -18.83 -8.86 -13.86
N THR B 79 -19.87 -9.68 -14.05
CA THR B 79 -21.21 -9.13 -14.27
C THR B 79 -21.89 -8.66 -12.99
N ASN B 80 -21.41 -9.08 -11.84
CA ASN B 80 -22.02 -8.62 -10.59
C ASN B 80 -21.02 -8.44 -9.46
N ALA B 81 -19.72 -8.63 -9.69
CA ALA B 81 -18.65 -8.41 -8.70
C ALA B 81 -18.71 -9.35 -7.52
N TYR B 82 -19.46 -10.43 -7.59
CA TYR B 82 -19.63 -11.30 -6.45
C TYR B 82 -18.74 -12.54 -6.56
N VAL B 83 -18.41 -13.10 -5.39
CA VAL B 83 -17.50 -14.24 -5.30
C VAL B 83 -18.25 -15.50 -5.67
N VAL B 84 -17.71 -16.27 -6.63
CA VAL B 84 -18.34 -17.51 -7.07
C VAL B 84 -17.58 -18.74 -6.59
N GLY B 85 -16.34 -18.60 -6.10
CA GLY B 85 -15.58 -19.74 -5.64
C GLY B 85 -14.18 -19.29 -5.28
N TYR B 86 -13.35 -20.25 -4.86
CA TYR B 86 -11.97 -19.92 -4.53
C TYR B 86 -11.08 -21.14 -4.73
N ARG B 87 -9.78 -20.88 -4.81
N ARG B 87 -9.78 -20.88 -4.81
CA ARG B 87 -8.77 -21.92 -4.92
CA ARG B 87 -8.77 -21.92 -4.92
C ARG B 87 -7.81 -21.80 -3.75
C ARG B 87 -7.81 -21.80 -3.75
N ALA B 88 -7.43 -22.95 -3.18
CA ALA B 88 -6.40 -23.00 -2.15
C ALA B 88 -5.56 -24.23 -2.44
N GLY B 89 -4.27 -24.01 -2.68
CA GLY B 89 -3.39 -25.12 -2.98
C GLY B 89 -3.81 -25.81 -4.25
N ASN B 90 -4.07 -27.11 -4.16
CA ASN B 90 -4.46 -27.91 -5.31
C ASN B 90 -5.94 -28.24 -5.30
N SER B 91 -6.76 -27.39 -4.67
CA SER B 91 -8.19 -27.59 -4.58
C SER B 91 -8.94 -26.31 -4.92
N ALA B 92 -10.10 -26.47 -5.57
CA ALA B 92 -10.98 -25.37 -5.90
C ALA B 92 -12.38 -25.70 -5.41
N TYR B 93 -13.10 -24.67 -4.98
CA TYR B 93 -14.40 -24.80 -4.36
C TYR B 93 -15.33 -23.76 -4.95
N PHE B 94 -16.53 -24.18 -5.33
CA PHE B 94 -17.47 -23.30 -6.00
C PHE B 94 -18.81 -23.34 -5.29
N PHE B 95 -19.42 -22.17 -5.11
CA PHE B 95 -20.80 -22.12 -4.66
C PHE B 95 -21.70 -22.73 -5.74
N HIS B 96 -22.84 -23.26 -5.30
CA HIS B 96 -23.73 -23.92 -6.23
C HIS B 96 -24.25 -22.90 -7.24
N PRO B 97 -24.09 -23.14 -8.53
CA PRO B 97 -24.57 -22.16 -9.50
C PRO B 97 -26.08 -22.05 -9.47
N ASP B 98 -26.57 -20.89 -9.90
CA ASP B 98 -28.02 -20.64 -9.97
C ASP B 98 -28.65 -21.12 -11.27
N ASN B 99 -27.86 -21.38 -12.32
CA ASN B 99 -28.38 -21.89 -13.58
C ASN B 99 -27.24 -22.61 -14.29
N GLN B 100 -27.58 -23.29 -15.38
CA GLN B 100 -26.59 -24.18 -15.99
C GLN B 100 -25.57 -23.44 -16.83
N GLU B 101 -25.92 -22.27 -17.36
CA GLU B 101 -24.92 -21.48 -18.08
C GLU B 101 -23.82 -21.02 -17.12
N ASP B 102 -24.20 -20.60 -15.91
CA ASP B 102 -23.21 -20.28 -14.88
C ASP B 102 -22.44 -21.52 -14.46
N ALA B 103 -23.13 -22.67 -14.42
CA ALA B 103 -22.45 -23.92 -14.13
C ALA B 103 -21.42 -24.25 -15.20
N GLU B 104 -21.74 -23.97 -16.47
CA GLU B 104 -20.79 -24.19 -17.54
C GLU B 104 -19.66 -23.18 -17.47
N ALA B 105 -19.96 -21.93 -17.10
CA ALA B 105 -18.93 -20.90 -17.07
C ALA B 105 -17.85 -21.25 -16.05
N ILE B 106 -18.26 -21.66 -14.85
CA ILE B 106 -17.29 -21.94 -13.80
C ILE B 106 -16.42 -23.16 -14.14
N THR B 107 -16.83 -24.00 -15.10
CA THR B 107 -15.93 -25.08 -15.50
C THR B 107 -14.63 -24.54 -16.09
N HIS B 108 -14.58 -23.27 -16.45
CA HIS B 108 -13.37 -22.65 -16.98
C HIS B 108 -12.50 -22.02 -15.91
N LEU B 109 -12.93 -22.00 -14.65
CA LEU B 109 -12.16 -21.43 -13.57
C LEU B 109 -11.27 -22.48 -12.94
N PHE B 110 -10.03 -22.08 -12.63
CA PHE B 110 -9.12 -22.90 -11.86
C PHE B 110 -8.98 -24.26 -12.53
N THR B 111 -8.70 -24.24 -13.83
CA THR B 111 -8.57 -25.49 -14.58
C THR B 111 -7.19 -26.12 -14.43
N ASP B 112 -6.39 -25.65 -13.48
CA ASP B 112 -5.12 -26.27 -13.16
C ASP B 112 -5.19 -27.06 -11.87
N VAL B 113 -6.25 -26.94 -11.11
CA VAL B 113 -6.36 -27.66 -9.85
C VAL B 113 -6.80 -29.08 -10.13
N GLN B 114 -6.32 -30.00 -9.32
CA GLN B 114 -6.65 -31.40 -9.51
C GLN B 114 -7.87 -31.85 -8.72
N ASN B 115 -8.31 -31.06 -7.74
CA ASN B 115 -9.49 -31.38 -6.95
C ASN B 115 -10.48 -30.24 -7.04
N ARG B 116 -11.64 -30.51 -7.63
CA ARG B 116 -12.70 -29.53 -7.79
C ARG B 116 -13.92 -29.97 -7.00
N TYR B 117 -14.49 -29.04 -6.24
CA TYR B 117 -15.66 -29.32 -5.44
C TYR B 117 -16.70 -28.25 -5.67
N THR B 118 -17.97 -28.64 -5.63
CA THR B 118 -19.08 -27.70 -5.65
C THR B 118 -19.87 -27.85 -4.34
N PHE B 119 -20.04 -26.74 -3.62
CA PHE B 119 -20.89 -26.77 -2.44
C PHE B 119 -22.33 -26.96 -2.85
N ALA B 120 -23.09 -27.69 -2.02
CA ALA B 120 -24.52 -27.85 -2.28
C ALA B 120 -25.28 -26.55 -2.09
N PHE B 121 -24.69 -25.56 -1.43
CA PHE B 121 -25.33 -24.29 -1.10
C PHE B 121 -24.78 -23.15 -1.95
N GLY B 122 -25.55 -22.07 -2.03
CA GLY B 122 -25.11 -20.87 -2.72
C GLY B 122 -24.31 -19.94 -1.84
N GLY B 123 -23.83 -18.85 -2.43
CA GLY B 123 -22.97 -17.91 -1.74
C GLY B 123 -23.65 -16.66 -1.23
N ASN B 124 -24.97 -16.62 -1.22
CA ASN B 124 -25.69 -15.46 -0.70
C ASN B 124 -25.58 -15.37 0.82
N TYR B 125 -25.82 -14.16 1.34
CA TYR B 125 -25.65 -13.90 2.77
C TYR B 125 -26.61 -14.71 3.62
N ASP B 126 -27.86 -14.86 3.19
CA ASP B 126 -28.81 -15.66 3.95
C ASP B 126 -28.23 -17.05 4.23
N ARG B 127 -27.68 -17.68 3.19
CA ARG B 127 -27.12 -19.02 3.36
C ARG B 127 -25.88 -19.02 4.23
N LEU B 128 -24.96 -18.10 3.97
CA LEU B 128 -23.70 -18.10 4.71
C LEU B 128 -23.91 -17.77 6.17
N GLU B 129 -24.82 -16.85 6.49
CA GLU B 129 -25.10 -16.56 7.88
C GLU B 129 -25.63 -17.78 8.61
N GLN B 130 -26.48 -18.56 7.94
CA GLN B 130 -26.99 -19.80 8.52
C GLN B 130 -25.85 -20.77 8.80
N LEU B 131 -24.96 -20.97 7.82
CA LEU B 131 -23.86 -21.91 8.01
C LEU B 131 -22.89 -21.43 9.08
N ALA B 132 -22.63 -20.13 9.13
CA ALA B 132 -21.70 -19.58 10.10
C ALA B 132 -22.28 -19.52 11.51
N GLY B 133 -23.60 -19.50 11.62
CA GLY B 133 -24.21 -19.33 12.92
C GLY B 133 -24.19 -17.90 13.42
N ASN B 134 -23.97 -16.92 12.55
CA ASN B 134 -23.98 -15.52 12.95
C ASN B 134 -24.40 -14.65 11.77
N LEU B 135 -25.14 -13.58 12.08
CA LEU B 135 -25.51 -12.58 11.11
C LEU B 135 -24.36 -11.61 10.84
N ARG B 136 -24.42 -10.93 9.69
CA ARG B 136 -23.42 -9.92 9.37
C ARG B 136 -23.26 -8.92 10.50
N GLU B 137 -24.35 -8.59 11.18
CA GLU B 137 -24.29 -7.60 12.24
C GLU B 137 -23.44 -8.03 13.41
N ASN B 138 -23.08 -9.30 13.50
CA ASN B 138 -22.29 -9.80 14.62
C ASN B 138 -20.93 -10.32 14.21
N ILE B 139 -20.51 -10.11 12.97
CA ILE B 139 -19.23 -10.60 12.47
C ILE B 139 -18.31 -9.41 12.22
N GLU B 140 -17.22 -9.32 12.98
CA GLU B 140 -16.32 -8.19 12.88
C GLU B 140 -15.53 -8.21 11.57
N LEU B 141 -15.34 -7.02 10.99
CA LEU B 141 -14.56 -6.82 9.78
C LEU B 141 -13.34 -5.98 10.10
N GLY B 142 -12.31 -6.13 9.29
CA GLY B 142 -11.07 -5.42 9.49
C GLY B 142 -9.92 -6.26 8.98
N ASN B 143 -8.70 -5.72 9.17
CA ASN B 143 -7.52 -6.45 8.68
C ASN B 143 -7.32 -7.73 9.48
N GLY B 144 -7.60 -7.71 10.78
CA GLY B 144 -7.47 -8.88 11.61
C GLY B 144 -8.36 -10.02 11.15
N PRO B 145 -9.64 -9.72 11.01
CA PRO B 145 -10.57 -10.73 10.49
C PRO B 145 -10.19 -11.25 9.13
N LEU B 146 -9.70 -10.38 8.25
CA LEU B 146 -9.33 -10.83 6.91
C LEU B 146 -8.09 -11.72 6.95
N GLU B 147 -7.10 -11.31 7.73
CA GLU B 147 -5.92 -12.16 7.97
C GLU B 147 -6.35 -13.56 8.40
N GLU B 148 -7.24 -13.64 9.39
CA GLU B 148 -7.70 -14.93 9.87
C GLU B 148 -8.52 -15.68 8.82
N ALA B 149 -9.34 -14.96 8.05
CA ALA B 149 -10.18 -15.62 7.06
C ALA B 149 -9.37 -16.28 5.94
N ILE B 150 -8.27 -15.66 5.54
CA ILE B 150 -7.42 -16.23 4.50
C ILE B 150 -6.84 -17.54 4.99
N SER B 151 -6.35 -17.56 6.24
CA SER B 151 -5.84 -18.80 6.81
C SER B 151 -6.94 -19.85 6.88
N ALA B 152 -8.13 -19.47 7.30
CA ALA B 152 -9.20 -20.45 7.44
C ALA B 152 -9.56 -21.04 6.09
N LEU B 153 -9.64 -20.19 5.05
CA LEU B 153 -9.93 -20.71 3.71
C LEU B 153 -8.83 -21.65 3.27
N TYR B 154 -7.59 -21.33 3.59
CA TYR B 154 -6.50 -22.21 3.22
C TYR B 154 -6.61 -23.55 3.92
N TYR B 155 -6.87 -23.55 5.23
CA TYR B 155 -6.84 -24.81 5.95
C TYR B 155 -8.13 -25.62 5.73
N TYR B 156 -9.15 -25.04 5.10
CA TYR B 156 -10.32 -25.85 4.77
C TYR B 156 -9.94 -26.95 3.78
N SER B 157 -9.04 -26.62 2.85
CA SER B 157 -8.62 -27.57 1.82
C SER B 157 -7.77 -28.70 2.39
N THR B 158 -7.16 -28.49 3.56
CA THR B 158 -6.32 -29.50 4.20
C THR B 158 -7.06 -30.27 5.28
N GLY B 159 -8.31 -29.91 5.60
CA GLY B 159 -9.07 -30.57 6.66
C GLY B 159 -9.01 -29.88 8.01
N GLY B 160 -8.34 -28.73 8.10
CA GLY B 160 -8.16 -28.07 9.37
C GLY B 160 -9.33 -27.22 9.83
N THR B 161 -10.07 -26.65 8.88
N THR B 161 -10.09 -26.64 8.90
CA THR B 161 -11.22 -25.78 9.13
CA THR B 161 -11.22 -25.81 9.27
C THR B 161 -12.51 -26.52 8.77
C THR B 161 -12.52 -26.43 8.75
N GLN B 162 -13.59 -26.23 9.51
CA GLN B 162 -14.91 -26.74 9.19
C GLN B 162 -15.80 -25.69 8.51
N LEU B 163 -16.94 -26.15 7.99
CA LEU B 163 -17.78 -25.27 7.17
C LEU B 163 -18.26 -24.02 7.89
N PRO B 164 -18.61 -24.06 9.17
CA PRO B 164 -19.07 -22.80 9.80
C PRO B 164 -18.03 -21.70 9.77
N THR B 165 -16.76 -22.04 10.05
CA THR B 165 -15.69 -21.05 9.96
C THR B 165 -15.45 -20.65 8.51
N LEU B 166 -15.59 -21.59 7.58
CA LEU B 166 -15.49 -21.26 6.17
C LEU B 166 -16.52 -20.23 5.78
N ALA B 167 -17.78 -20.44 6.17
CA ALA B 167 -18.84 -19.49 5.84
C ALA B 167 -18.58 -18.11 6.45
N ARG B 168 -18.14 -18.08 7.70
CA ARG B 168 -17.79 -16.81 8.32
C ARG B 168 -16.67 -16.13 7.53
N SER B 169 -15.70 -16.90 7.07
CA SER B 169 -14.59 -16.32 6.33
C SER B 169 -15.06 -15.74 5.01
N PHE B 170 -16.00 -16.42 4.34
CA PHE B 170 -16.57 -15.86 3.12
C PHE B 170 -17.30 -14.57 3.40
N ILE B 171 -18.07 -14.52 4.48
CA ILE B 171 -18.81 -13.29 4.78
C ILE B 171 -17.84 -12.14 4.91
N ILE B 172 -16.69 -12.39 5.55
CA ILE B 172 -15.68 -11.36 5.74
C ILE B 172 -15.10 -10.92 4.39
N CYS B 173 -14.65 -11.88 3.59
CA CYS B 173 -14.02 -11.58 2.30
C CYS B 173 -14.98 -10.87 1.36
N ILE B 174 -16.22 -11.36 1.27
CA ILE B 174 -17.19 -10.78 0.34
C ILE B 174 -17.44 -9.32 0.68
N GLN B 175 -17.57 -9.02 1.95
CA GLN B 175 -17.86 -7.63 2.30
C GLN B 175 -16.65 -6.74 2.06
N MET B 176 -15.45 -7.21 2.39
CA MET B 176 -14.28 -6.35 2.30
C MET B 176 -13.73 -6.25 0.88
N ILE B 177 -14.21 -7.08 -0.04
CA ILE B 177 -13.73 -7.06 -1.41
C ILE B 177 -14.89 -6.72 -2.34
N SER B 178 -15.93 -7.56 -2.39
CA SER B 178 -17.01 -7.35 -3.35
C SER B 178 -17.85 -6.13 -3.00
N GLU B 179 -18.28 -6.02 -1.74
CA GLU B 179 -19.14 -4.88 -1.39
C GLU B 179 -18.35 -3.58 -1.36
N ALA B 180 -17.08 -3.63 -0.98
CA ALA B 180 -16.25 -2.43 -1.06
C ALA B 180 -16.04 -1.99 -2.51
N ALA B 181 -15.91 -2.94 -3.43
CA ALA B 181 -15.80 -2.55 -4.85
C ALA B 181 -17.10 -1.92 -5.34
N ARG B 182 -18.23 -2.40 -4.86
CA ARG B 182 -19.52 -1.89 -5.31
C ARG B 182 -19.83 -0.51 -4.76
N PHE B 183 -19.39 -0.20 -3.52
CA PHE B 183 -19.81 1.00 -2.80
C PHE B 183 -18.59 1.79 -2.33
N GLN B 184 -18.50 3.05 -2.74
CA GLN B 184 -17.49 3.92 -2.15
C GLN B 184 -17.66 4.06 -0.64
N TYR B 185 -18.90 4.01 -0.18
CA TYR B 185 -19.18 4.14 1.24
C TYR B 185 -18.59 2.98 2.04
N ILE B 186 -18.71 1.76 1.52
CA ILE B 186 -18.20 0.58 2.23
C ILE B 186 -16.69 0.49 2.12
N GLU B 187 -16.13 0.89 0.97
CA GLU B 187 -14.70 1.08 0.84
C GLU B 187 -14.16 1.98 1.94
N GLY B 188 -14.81 3.12 2.18
CA GLY B 188 -14.35 4.02 3.23
C GLY B 188 -14.48 3.40 4.61
N GLU B 189 -15.59 2.69 4.86
CA GLU B 189 -15.75 1.96 6.11
C GLU B 189 -14.60 0.99 6.36
N MET B 190 -14.16 0.25 5.33
CA MET B 190 -13.09 -0.72 5.55
C MET B 190 -11.74 -0.02 5.70
N ARG B 191 -11.53 1.06 4.94
CA ARG B 191 -10.30 1.83 5.04
C ARG B 191 -10.12 2.41 6.43
N THR B 192 -11.23 2.84 7.04
CA THR B 192 -11.19 3.41 8.39
C THR B 192 -10.80 2.36 9.41
N ARG B 193 -11.32 1.15 9.28
CA ARG B 193 -10.86 0.08 10.17
C ARG B 193 -9.37 -0.16 10.04
N ILE B 194 -8.84 -0.12 8.81
CA ILE B 194 -7.40 -0.27 8.61
C ILE B 194 -6.65 0.91 9.20
N ARG B 195 -7.14 2.12 8.97
CA ARG B 195 -6.45 3.31 9.45
C ARG B 195 -6.24 3.25 10.96
N TYR B 196 -7.26 2.83 11.70
CA TYR B 196 -7.20 2.81 13.17
C TYR B 196 -6.82 1.45 13.72
N ASN B 197 -6.55 0.48 12.87
CA ASN B 197 -6.19 -0.88 13.27
C ASN B 197 -7.25 -1.45 14.22
N ARG B 198 -8.51 -1.28 13.85
CA ARG B 198 -9.62 -1.76 14.65
C ARG B 198 -10.44 -2.75 13.83
N ARG B 199 -11.18 -3.60 14.53
CA ARG B 199 -12.17 -4.46 13.91
C ARG B 199 -13.54 -4.14 14.49
N SER B 200 -14.57 -4.25 13.66
CA SER B 200 -15.93 -4.03 14.16
C SER B 200 -16.91 -4.52 13.10
N ALA B 201 -18.08 -4.95 13.57
CA ALA B 201 -19.13 -5.39 12.67
C ALA B 201 -19.68 -4.20 11.89
N PRO B 202 -20.24 -4.44 10.71
CA PRO B 202 -20.83 -3.35 9.93
C PRO B 202 -22.13 -2.87 10.57
N ASP B 203 -22.34 -1.56 10.53
CA ASP B 203 -23.56 -1.02 11.13
C ASP B 203 -24.71 -1.11 10.13
N PRO B 204 -25.93 -0.76 10.54
CA PRO B 204 -27.09 -0.94 9.66
C PRO B 204 -27.00 -0.20 8.37
N SER B 205 -26.25 0.91 8.31
CA SER B 205 -26.18 1.64 7.05
C SER B 205 -25.43 0.82 6.01
N VAL B 206 -24.40 0.09 6.44
CA VAL B 206 -23.63 -0.78 5.54
C VAL B 206 -24.45 -1.97 5.08
N ILE B 207 -25.11 -2.66 6.02
CA ILE B 207 -25.92 -3.83 5.70
C ILE B 207 -27.02 -3.48 4.71
N THR B 208 -27.70 -2.37 4.94
CA THR B 208 -28.80 -1.99 4.06
C THR B 208 -28.30 -1.69 2.65
N LEU B 209 -27.14 -1.04 2.54
CA LEU B 209 -26.57 -0.81 1.23
C LEU B 209 -26.30 -2.13 0.52
N GLU B 210 -25.66 -3.05 1.21
CA GLU B 210 -25.40 -4.37 0.63
C GLU B 210 -26.69 -5.01 0.13
N ASN B 211 -27.74 -4.94 0.95
CA ASN B 211 -29.00 -5.57 0.59
C ASN B 211 -29.68 -4.88 -0.58
N SER B 212 -29.29 -3.64 -0.87
CA SER B 212 -30.03 -2.79 -1.81
C SER B 212 -29.33 -2.58 -3.14
N TRP B 213 -28.16 -3.20 -3.35
CA TRP B 213 -27.33 -2.90 -4.51
C TRP B 213 -28.07 -3.17 -5.82
N GLY B 214 -28.78 -4.29 -5.89
CA GLY B 214 -29.52 -4.62 -7.11
C GLY B 214 -30.66 -3.66 -7.39
N ARG B 215 -31.43 -3.32 -6.35
CA ARG B 215 -32.53 -2.38 -6.54
C ARG B 215 -32.01 -0.99 -6.88
N LEU B 216 -30.87 -0.61 -6.31
CA LEU B 216 -30.28 0.70 -6.63
C LEU B 216 -29.83 0.76 -8.07
N SER B 217 -29.20 -0.31 -8.56
CA SER B 217 -28.79 -0.37 -9.95
C SER B 217 -29.99 -0.20 -10.87
N THR B 218 -31.08 -0.92 -10.59
CA THR B 218 -32.29 -0.79 -11.40
C THR B 218 -32.88 0.60 -11.30
N ALA B 219 -33.00 1.13 -10.07
CA ALA B 219 -33.61 2.43 -9.90
C ALA B 219 -32.84 3.51 -10.65
N ILE B 220 -31.51 3.50 -10.54
CA ILE B 220 -30.68 4.49 -11.22
C ILE B 220 -30.88 4.39 -12.72
N GLN B 221 -30.86 3.17 -13.25
CA GLN B 221 -30.91 2.99 -14.69
C GLN B 221 -32.32 3.20 -15.26
N GLU B 222 -33.36 3.13 -14.44
CA GLU B 222 -34.72 3.43 -14.87
C GLU B 222 -35.12 4.86 -14.57
N SER B 223 -34.26 5.65 -13.93
CA SER B 223 -34.66 6.98 -13.49
C SER B 223 -34.94 7.89 -14.68
N ASN B 224 -35.78 8.90 -14.43
CA ASN B 224 -36.16 9.90 -15.43
C ASN B 224 -35.69 11.27 -14.97
N GLN B 225 -34.76 11.86 -15.72
CA GLN B 225 -34.22 13.20 -15.44
C GLN B 225 -33.88 13.38 -13.96
N GLY B 226 -33.14 12.42 -13.41
CA GLY B 226 -32.57 12.54 -12.08
C GLY B 226 -33.46 12.12 -10.95
N ALA B 227 -34.73 11.83 -11.22
CA ALA B 227 -35.69 11.37 -10.22
C ALA B 227 -35.95 9.88 -10.38
N PHE B 228 -36.02 9.18 -9.25
CA PHE B 228 -36.39 7.77 -9.26
C PHE B 228 -37.88 7.62 -9.48
N ALA B 229 -38.25 6.62 -10.27
CA ALA B 229 -39.67 6.28 -10.44
C ALA B 229 -40.28 5.91 -9.10
N SER B 230 -39.58 5.13 -8.30
CA SER B 230 -40.02 4.84 -6.95
C SER B 230 -38.84 5.06 -6.00
N PRO B 231 -39.07 5.64 -4.82
CA PRO B 231 -37.96 5.94 -3.92
C PRO B 231 -37.30 4.67 -3.39
N ILE B 232 -36.01 4.79 -3.09
CA ILE B 232 -35.26 3.73 -2.43
C ILE B 232 -35.13 4.09 -0.96
N GLN B 233 -35.34 3.11 -0.09
CA GLN B 233 -35.19 3.31 1.34
C GLN B 233 -33.81 2.86 1.79
N LEU B 234 -33.10 3.74 2.49
CA LEU B 234 -31.80 3.44 3.09
C LEU B 234 -31.91 3.63 4.59
N GLN B 235 -30.84 3.23 5.30
CA GLN B 235 -30.80 3.31 6.74
C GLN B 235 -29.61 4.15 7.18
N ARG B 236 -29.80 4.96 8.21
CA ARG B 236 -28.69 5.66 8.84
C ARG B 236 -27.92 4.70 9.74
N ARG B 237 -26.80 5.18 10.28
CA ARG B 237 -25.93 4.33 11.08
C ARG B 237 -26.64 3.76 12.30
N ASN B 238 -27.68 4.45 12.80
CA ASN B 238 -28.41 3.94 13.95
C ASN B 238 -29.58 3.05 13.55
N GLY B 239 -29.78 2.78 12.26
CA GLY B 239 -30.87 1.94 11.83
C GLY B 239 -32.12 2.68 11.42
N SER B 240 -32.20 4.00 11.64
CA SER B 240 -33.40 4.72 11.22
C SER B 240 -33.47 4.78 9.70
N LYS B 241 -34.69 4.71 9.17
CA LYS B 241 -34.91 4.56 7.74
C LYS B 241 -35.20 5.91 7.11
N PHE B 242 -34.70 6.12 5.88
CA PHE B 242 -35.04 7.33 5.15
C PHE B 242 -35.15 7.02 3.66
N SER B 243 -35.91 7.86 2.95
CA SER B 243 -36.19 7.64 1.54
C SER B 243 -35.34 8.57 0.69
N VAL B 244 -34.91 8.06 -0.47
CA VAL B 244 -34.14 8.85 -1.42
C VAL B 244 -34.89 8.89 -2.75
N TYR B 245 -35.10 10.10 -3.25
CA TYR B 245 -35.80 10.32 -4.51
C TYR B 245 -34.89 10.85 -5.60
N ASP B 246 -33.62 11.13 -5.29
CA ASP B 246 -32.74 11.85 -6.18
C ASP B 246 -31.55 10.98 -6.52
N VAL B 247 -31.27 10.85 -7.82
CA VAL B 247 -30.14 10.05 -8.26
C VAL B 247 -28.83 10.64 -7.77
N SER B 248 -28.75 11.98 -7.74
CA SER B 248 -27.50 12.66 -7.45
C SER B 248 -26.95 12.29 -6.09
N ILE B 249 -27.83 11.93 -5.15
CA ILE B 249 -27.39 11.50 -3.82
C ILE B 249 -26.61 10.19 -3.90
N LEU B 250 -26.95 9.32 -4.84
CA LEU B 250 -26.27 8.04 -4.90
C LEU B 250 -24.91 8.11 -5.59
N ILE B 251 -24.64 9.18 -6.32
CA ILE B 251 -23.37 9.24 -7.06
C ILE B 251 -22.18 9.12 -6.14
N PRO B 252 -22.14 9.75 -4.95
CA PRO B 252 -21.00 9.54 -4.05
C PRO B 252 -21.02 8.21 -3.32
N ILE B 253 -22.16 7.54 -3.22
CA ILE B 253 -22.27 6.34 -2.40
C ILE B 253 -21.82 5.10 -3.16
N ILE B 254 -22.25 4.99 -4.40
CA ILE B 254 -22.06 3.77 -5.16
C ILE B 254 -20.89 3.96 -6.10
N ALA B 255 -20.22 2.85 -6.41
CA ALA B 255 -19.10 2.86 -7.35
C ALA B 255 -19.37 2.11 -8.64
N LEU B 256 -20.22 1.10 -8.62
CA LEU B 256 -20.56 0.42 -9.86
C LEU B 256 -21.95 -0.18 -9.72
N MET B 257 -22.57 -0.44 -10.88
CA MET B 257 -23.93 -0.95 -10.96
C MET B 257 -23.94 -2.17 -11.87
N VAL B 258 -24.82 -3.09 -11.56
CA VAL B 258 -25.01 -4.24 -12.44
C VAL B 258 -25.84 -3.79 -13.62
N TYR B 259 -25.51 -4.33 -14.78
CA TYR B 259 -26.20 -3.98 -16.03
C TYR B 259 -27.66 -4.39 -15.92
N ARG B 260 -28.57 -3.46 -16.23
CA ARG B 260 -29.99 -3.76 -16.13
C ARG B 260 -30.73 -3.47 -17.43
N CYS B 261 -30.25 -2.49 -18.20
CA CYS B 261 -30.89 -2.21 -19.48
C CYS B 261 -29.91 -1.45 -20.35
N ALA B 262 -30.24 -1.37 -21.64
CA ALA B 262 -29.43 -0.58 -22.55
C ALA B 262 -29.54 0.90 -22.18
N PRO B 263 -28.49 1.69 -22.44
CA PRO B 263 -28.56 3.14 -22.14
C PRO B 263 -29.35 3.93 -23.19
N GLN C 1 12.31 -11.86 -14.55
CA GLN C 1 12.17 -10.79 -15.56
C GLN C 1 10.90 -9.96 -15.39
N VAL C 2 10.87 -8.88 -16.16
CA VAL C 2 9.75 -7.95 -16.18
C VAL C 2 9.75 -7.31 -17.54
N GLN C 3 8.55 -6.94 -18.01
CA GLN C 3 8.38 -6.18 -19.25
C GLN C 3 7.62 -4.91 -18.93
N LEU C 4 8.06 -3.80 -19.52
CA LEU C 4 7.50 -2.50 -19.22
C LEU C 4 6.90 -1.89 -20.48
N ALA C 5 5.79 -1.19 -20.31
CA ALA C 5 5.12 -0.51 -21.42
C ALA C 5 4.56 0.81 -20.91
N GLU C 6 4.94 1.92 -21.58
CA GLU C 6 4.46 3.24 -21.19
C GLU C 6 3.21 3.62 -21.99
N SER C 7 2.37 4.44 -21.38
CA SER C 7 1.25 5.02 -22.08
C SER C 7 0.93 6.37 -21.44
N GLY C 8 0.05 7.12 -22.09
CA GLY C 8 -0.48 8.36 -21.53
C GLY C 8 0.05 9.64 -22.15
N GLY C 9 0.98 9.55 -23.09
CA GLY C 9 1.52 10.71 -23.75
C GLY C 9 0.50 11.38 -24.64
N GLY C 10 0.86 12.54 -25.15
CA GLY C 10 -0.01 13.27 -26.05
C GLY C 10 0.54 14.68 -26.29
N LEU C 11 -0.30 15.48 -26.94
CA LEU C 11 -0.03 16.87 -27.22
C LEU C 11 -0.87 17.73 -26.28
N VAL C 12 -0.25 18.68 -25.59
CA VAL C 12 -0.98 19.63 -24.74
C VAL C 12 -0.45 21.03 -24.97
N GLN C 13 -1.24 22.02 -24.58
CA GLN C 13 -0.74 23.39 -24.60
C GLN C 13 0.02 23.69 -23.32
N PRO C 14 0.82 24.76 -23.28
CA PRO C 14 1.52 25.10 -22.04
C PRO C 14 0.54 25.24 -20.88
N GLY C 15 0.92 24.70 -19.73
CA GLY C 15 0.06 24.63 -18.58
C GLY C 15 -0.77 23.37 -18.53
N GLY C 16 -0.79 22.58 -19.60
CA GLY C 16 -1.60 21.38 -19.63
C GLY C 16 -1.01 20.32 -18.75
N SER C 17 -1.77 19.23 -18.62
CA SER C 17 -1.39 18.07 -17.81
C SER C 17 -1.44 16.79 -18.62
N LEU C 18 -0.57 15.84 -18.25
CA LEU C 18 -0.61 14.47 -18.73
C LEU C 18 -0.28 13.55 -17.57
N ARG C 19 -0.85 12.35 -17.58
CA ARG C 19 -0.55 11.33 -16.60
C ARG C 19 0.02 10.12 -17.32
N LEU C 20 1.31 9.89 -17.17
CA LEU C 20 1.95 8.76 -17.82
C LEU C 20 1.82 7.51 -16.95
N SER C 21 1.71 6.36 -17.61
CA SER C 21 1.63 5.07 -16.96
C SER C 21 2.80 4.21 -17.38
N CYS C 22 3.42 3.54 -16.41
CA CYS C 22 4.45 2.52 -16.67
C CYS C 22 3.90 1.23 -16.12
N VAL C 23 3.47 0.33 -17.01
CA VAL C 23 2.81 -0.91 -16.63
C VAL C 23 3.82 -2.02 -16.75
N ALA C 24 3.98 -2.79 -15.67
CA ALA C 24 4.92 -3.89 -15.60
C ALA C 24 4.17 -5.22 -15.70
N SER C 25 4.68 -6.10 -16.55
CA SER C 25 4.11 -7.41 -16.76
C SER C 25 5.18 -8.46 -16.50
N PRO C 26 4.85 -9.58 -15.84
CA PRO C 26 3.51 -9.91 -15.32
C PRO C 26 3.17 -9.16 -14.03
N SER C 27 4.17 -8.54 -13.42
CA SER C 27 3.99 -7.92 -12.11
C SER C 27 5.08 -6.89 -11.90
N LEU C 28 4.75 -5.83 -11.15
CA LEU C 28 5.75 -4.85 -10.74
C LEU C 28 6.79 -5.45 -9.79
N ASP C 29 6.37 -6.39 -8.94
CA ASP C 29 7.30 -7.31 -8.24
C ASP C 29 8.35 -6.57 -7.39
N TYR C 30 7.97 -5.43 -6.81
CA TYR C 30 8.82 -4.62 -5.94
C TYR C 30 10.02 -4.01 -6.64
N TYR C 31 10.02 -3.95 -7.97
CA TYR C 31 11.06 -3.20 -8.66
C TYR C 31 10.93 -1.70 -8.42
N GLY C 32 12.07 -1.03 -8.25
CA GLY C 32 12.08 0.42 -8.37
C GLY C 32 11.88 0.82 -9.82
N ILE C 33 11.28 1.99 -10.01
CA ILE C 33 11.00 2.50 -11.35
C ILE C 33 11.58 3.90 -11.46
N GLY C 34 12.28 4.15 -12.56
CA GLY C 34 12.75 5.48 -12.89
C GLY C 34 12.16 5.94 -14.20
N TRP C 35 11.84 7.22 -14.29
CA TRP C 35 11.39 7.86 -15.53
C TRP C 35 12.50 8.71 -16.11
N PHE C 36 12.69 8.58 -17.42
CA PHE C 36 13.69 9.30 -18.18
C PHE C 36 13.02 9.97 -19.38
N ARG C 37 13.68 10.97 -19.94
CA ARG C 37 13.16 11.62 -21.14
C ARG C 37 14.31 12.00 -22.07
N GLN C 38 14.01 11.96 -23.37
CA GLN C 38 15.02 12.33 -24.35
C GLN C 38 14.36 13.08 -25.48
N ALA C 39 14.89 14.25 -25.77
CA ALA C 39 14.48 15.09 -26.88
C ALA C 39 15.40 14.87 -28.07
N PRO C 40 14.94 15.19 -29.29
CA PRO C 40 15.76 14.93 -30.47
C PRO C 40 17.12 15.61 -30.40
N GLY C 41 18.17 14.82 -30.63
CA GLY C 41 19.51 15.36 -30.65
C GLY C 41 20.07 15.80 -29.32
N LYS C 42 19.45 15.40 -28.21
CA LYS C 42 19.93 15.76 -26.88
C LYS C 42 20.12 14.49 -26.08
N GLU C 43 20.82 14.62 -24.96
CA GLU C 43 21.06 13.48 -24.12
C GLU C 43 19.83 13.13 -23.31
N ARG C 44 19.67 11.84 -23.04
CA ARG C 44 18.63 11.37 -22.14
C ARG C 44 18.91 11.93 -20.75
N GLU C 45 17.84 12.19 -20.00
CA GLU C 45 18.01 12.69 -18.64
C GLU C 45 16.97 12.08 -17.74
N GLY C 46 17.40 11.72 -16.54
CA GLY C 46 16.49 11.22 -15.56
C GLY C 46 15.57 12.31 -15.02
N VAL C 47 14.32 11.94 -14.76
CA VAL C 47 13.28 12.86 -14.35
C VAL C 47 12.79 12.56 -12.93
N SER C 48 12.53 11.30 -12.62
CA SER C 48 11.95 10.96 -11.32
C SER C 48 12.10 9.46 -11.09
N CYS C 49 12.05 9.06 -9.82
N CYS C 49 12.07 9.04 -9.82
CA CYS C 49 12.20 7.66 -9.44
CA CYS C 49 12.17 7.63 -9.49
C CYS C 49 11.37 7.37 -8.20
C CYS C 49 11.47 7.34 -8.18
N ILE C 50 11.07 6.09 -8.02
CA ILE C 50 10.33 5.65 -6.84
C ILE C 50 10.78 4.23 -6.47
N THR C 51 11.00 4.02 -5.17
CA THR C 51 11.49 2.72 -4.73
C THR C 51 10.36 1.71 -4.68
N GLY C 52 10.75 0.45 -4.55
CA GLY C 52 9.81 -0.65 -4.73
C GLY C 52 8.94 -1.02 -3.54
N SER C 53 9.40 -0.78 -2.30
CA SER C 53 8.63 -1.23 -1.16
C SER C 53 8.24 -0.13 -0.20
N GLU C 54 8.89 1.01 -0.24
CA GLU C 54 8.52 2.11 0.62
C GLU C 54 7.93 3.28 -0.14
N GLY C 55 8.00 3.28 -1.47
CA GLY C 55 7.49 4.38 -2.28
C GLY C 55 8.22 5.69 -2.06
N SER C 56 9.51 5.64 -1.76
CA SER C 56 10.32 6.83 -1.58
C SER C 56 10.64 7.43 -2.94
N THR C 57 10.57 8.74 -3.05
CA THR C 57 10.64 9.37 -4.37
C THR C 57 11.82 10.31 -4.48
N TYR C 58 12.22 10.55 -5.74
CA TYR C 58 13.24 11.53 -6.08
C TYR C 58 12.86 12.24 -7.38
N TYR C 59 13.18 13.53 -7.46
CA TYR C 59 12.85 14.34 -8.63
C TYR C 59 14.05 15.17 -9.07
N ALA C 60 14.29 15.21 -10.37
CA ALA C 60 15.22 16.17 -10.92
C ALA C 60 14.71 17.60 -10.64
N ASP C 61 15.65 18.53 -10.46
CA ASP C 61 15.30 19.90 -10.12
C ASP C 61 14.35 20.51 -11.15
N SER C 62 14.49 20.11 -12.42
CA SER C 62 13.71 20.77 -13.47
C SER C 62 12.23 20.42 -13.42
N VAL C 63 11.82 19.42 -12.62
CA VAL C 63 10.44 18.98 -12.60
C VAL C 63 9.86 18.93 -11.19
N LYS C 64 10.62 19.32 -10.18
CA LYS C 64 10.10 19.31 -8.81
C LYS C 64 8.83 20.16 -8.71
N GLY C 65 7.89 19.67 -7.90
CA GLY C 65 6.60 20.31 -7.66
C GLY C 65 5.62 20.01 -8.76
N ARG C 66 6.02 20.25 -10.00
CA ARG C 66 5.12 20.06 -11.14
C ARG C 66 4.81 18.59 -11.38
N PHE C 67 5.80 17.71 -11.20
CA PHE C 67 5.63 16.29 -11.49
C PHE C 67 5.49 15.53 -10.17
N THR C 68 4.66 14.48 -10.19
CA THR C 68 4.44 13.62 -9.03
C THR C 68 4.49 12.17 -9.49
N ILE C 69 5.39 11.36 -8.90
CA ILE C 69 5.46 9.95 -9.21
C ILE C 69 4.77 9.17 -8.09
N SER C 70 4.06 8.12 -8.46
CA SER C 70 3.38 7.31 -7.47
C SER C 70 3.32 5.87 -7.94
N ARG C 71 3.15 4.96 -7.00
CA ARG C 71 3.18 3.52 -7.26
C ARG C 71 1.83 2.92 -6.89
N ASP C 72 1.29 2.10 -7.79
CA ASP C 72 0.07 1.31 -7.59
C ASP C 72 0.39 -0.18 -7.76
N ASN C 73 0.68 -0.85 -6.64
CA ASN C 73 1.10 -2.25 -6.74
C ASN C 73 -0.02 -3.12 -7.28
N ALA C 74 -1.27 -2.81 -6.92
CA ALA C 74 -2.41 -3.60 -7.36
C ALA C 74 -2.63 -3.54 -8.85
N LYS C 75 -2.39 -2.37 -9.47
CA LYS C 75 -2.49 -2.21 -10.91
C LYS C 75 -1.18 -2.49 -11.63
N ASN C 76 -0.13 -2.90 -10.89
CA ASN C 76 1.18 -3.12 -11.47
C ASN C 76 1.66 -1.93 -12.28
N THR C 77 1.43 -0.72 -11.76
CA THR C 77 1.67 0.50 -12.53
C THR C 77 2.34 1.57 -11.69
N VAL C 78 3.33 2.22 -12.28
CA VAL C 78 3.89 3.43 -11.71
C VAL C 78 3.44 4.59 -12.57
N PHE C 79 2.90 5.61 -11.94
CA PHE C 79 2.37 6.77 -12.64
C PHE C 79 3.29 7.97 -12.52
N LEU C 80 3.34 8.79 -13.57
CA LEU C 80 4.00 10.09 -13.53
C LEU C 80 2.96 11.16 -13.92
N GLN C 81 2.46 11.88 -12.92
CA GLN C 81 1.54 12.99 -13.14
C GLN C 81 2.36 14.22 -13.48
N MET C 82 2.11 14.81 -14.64
CA MET C 82 2.87 15.96 -15.11
C MET C 82 1.93 17.16 -15.24
N ASP C 83 2.07 18.13 -14.33
CA ASP C 83 1.26 19.34 -14.33
C ASP C 83 2.11 20.54 -14.77
N SER C 84 1.42 21.60 -15.18
CA SER C 84 2.07 22.82 -15.61
C SER C 84 3.17 22.54 -16.63
N LEU C 85 2.82 21.79 -17.67
CA LEU C 85 3.81 21.42 -18.67
C LEU C 85 4.27 22.65 -19.46
N LYS C 86 5.54 22.63 -19.86
CA LYS C 86 6.23 23.68 -20.59
C LYS C 86 6.74 23.14 -21.92
N PRO C 87 6.96 24.01 -22.92
CA PRO C 87 7.54 23.53 -24.18
C PRO C 87 8.81 22.70 -24.00
N GLU C 88 9.65 23.09 -23.03
CA GLU C 88 10.90 22.43 -22.72
C GLU C 88 10.72 21.00 -22.21
N ASP C 89 9.51 20.62 -21.83
CA ASP C 89 9.21 19.26 -21.42
C ASP C 89 8.96 18.32 -22.60
N THR C 90 8.93 18.83 -23.83
CA THR C 90 8.72 17.99 -25.01
C THR C 90 9.85 16.98 -25.16
N ALA C 91 9.47 15.70 -25.26
CA ALA C 91 10.44 14.60 -25.34
C ALA C 91 9.70 13.27 -25.42
N VAL C 92 10.45 12.20 -25.71
CA VAL C 92 9.98 10.84 -25.47
C VAL C 92 10.31 10.48 -24.01
N TYR C 93 9.30 10.01 -23.28
CA TYR C 93 9.45 9.62 -21.89
C TYR C 93 9.49 8.10 -21.80
N TYR C 94 10.50 7.59 -21.09
CA TYR C 94 10.73 6.17 -20.91
C TYR C 94 10.69 5.85 -19.43
N CYS C 95 10.16 4.67 -19.09
CA CYS C 95 10.32 4.15 -17.75
C CYS C 95 11.28 2.97 -17.77
N ALA C 96 11.96 2.79 -16.65
CA ALA C 96 12.99 1.77 -16.51
C ALA C 96 12.86 1.16 -15.12
N ALA C 97 13.28 -0.10 -15.01
CA ALA C 97 13.12 -0.86 -13.78
C ALA C 97 14.47 -1.37 -13.29
N ALA C 98 14.68 -1.30 -11.98
CA ALA C 98 15.85 -1.88 -11.33
C ALA C 98 15.52 -2.21 -9.88
N ASP C 99 16.14 -3.27 -9.36
CA ASP C 99 15.97 -3.65 -7.96
C ASP C 99 17.36 -3.95 -7.39
N PRO C 100 17.92 -3.04 -6.58
CA PRO C 100 17.41 -1.73 -6.16
C PRO C 100 17.62 -0.70 -7.22
N LEU C 101 17.07 0.48 -6.99
CA LEU C 101 17.44 1.59 -7.83
C LEU C 101 18.93 1.86 -7.71
N PRO C 102 19.57 2.36 -8.77
CA PRO C 102 20.94 2.83 -8.61
C PRO C 102 21.01 3.91 -7.54
N LEU C 103 22.18 3.99 -6.89
CA LEU C 103 22.33 4.92 -5.77
C LEU C 103 21.97 6.35 -6.17
N VAL C 104 22.32 6.77 -7.38
CA VAL C 104 21.76 7.99 -7.95
C VAL C 104 20.82 7.52 -9.03
N CYS C 105 19.53 7.76 -8.84
CA CYS C 105 18.61 6.99 -9.64
C CYS C 105 18.46 7.55 -11.05
N THR C 106 19.14 8.67 -11.36
CA THR C 106 19.20 9.19 -12.71
C THR C 106 20.33 8.57 -13.54
N TRP C 107 21.06 7.59 -12.98
CA TRP C 107 22.07 6.81 -13.71
C TRP C 107 21.37 5.75 -14.57
N GLY C 108 20.94 6.15 -15.76
CA GLY C 108 20.20 5.23 -16.62
C GLY C 108 20.94 3.97 -17.00
N ASP C 109 22.28 4.04 -17.12
CA ASP C 109 23.03 2.89 -17.58
C ASP C 109 22.91 1.70 -16.65
N GLU C 110 22.50 1.89 -15.40
CA GLU C 110 22.47 0.80 -14.45
C GLU C 110 21.09 0.12 -14.35
N TYR C 111 20.06 0.66 -14.99
CA TYR C 111 18.76 0.00 -14.98
C TYR C 111 18.79 -1.26 -15.87
N ASP C 112 17.93 -2.22 -15.54
CA ASP C 112 17.96 -3.51 -16.23
C ASP C 112 16.90 -3.69 -17.29
N TYR C 113 15.79 -2.97 -17.21
CA TYR C 113 14.66 -3.15 -18.11
C TYR C 113 14.13 -1.79 -18.52
N TRP C 114 13.74 -1.66 -19.78
CA TRP C 114 13.25 -0.40 -20.34
C TRP C 114 11.96 -0.62 -21.14
N GLY C 115 11.09 0.39 -21.12
CA GLY C 115 9.94 0.40 -21.99
C GLY C 115 10.33 0.96 -23.35
N GLN C 116 9.34 1.12 -24.22
CA GLN C 116 9.57 1.62 -25.57
C GLN C 116 9.37 3.14 -25.68
N GLY C 117 8.83 3.78 -24.67
CA GLY C 117 8.68 5.22 -24.68
C GLY C 117 7.31 5.69 -25.11
N THR C 118 6.89 6.83 -24.56
CA THR C 118 5.66 7.50 -24.97
C THR C 118 5.96 8.97 -25.23
N GLN C 119 5.42 9.50 -26.32
CA GLN C 119 5.76 10.84 -26.76
C GLN C 119 4.91 11.89 -26.04
N VAL C 120 5.59 12.92 -25.54
CA VAL C 120 4.97 14.08 -24.91
C VAL C 120 5.36 15.31 -25.72
N THR C 121 4.36 16.07 -26.18
CA THR C 121 4.59 17.30 -26.93
C THR C 121 3.81 18.44 -26.30
N VAL C 122 4.50 19.53 -25.99
CA VAL C 122 3.88 20.74 -25.44
C VAL C 122 4.08 21.87 -26.44
N SER C 123 2.96 22.41 -26.93
CA SER C 123 2.98 23.51 -27.90
C SER C 123 3.73 24.72 -27.36
N SER C 124 4.30 25.52 -28.27
CA SER C 124 5.11 26.65 -27.83
C SER C 124 4.27 27.85 -27.38
N GLU C 125 2.99 27.92 -27.73
CA GLU C 125 2.11 29.01 -27.34
C GLU C 125 0.80 28.49 -26.90
N PRO C 126 -0.02 29.24 -26.16
CA PRO C 126 -1.35 28.81 -25.78
C PRO C 126 -2.20 28.52 -27.02
N LYS C 127 -3.30 27.82 -26.79
CA LYS C 127 -4.18 27.41 -27.88
C LYS C 127 -4.94 28.62 -28.43
N THR C 128 -5.44 28.45 -29.67
CA THR C 128 -6.20 29.48 -30.40
C THR C 128 -5.35 30.72 -30.64
N GLN D 3 -6.10 20.01 11.74
CA GLN D 3 -5.84 19.02 10.70
C GLN D 3 -6.27 19.56 9.32
N LEU D 4 -7.26 20.45 9.28
CA LEU D 4 -7.73 21.05 8.04
C LEU D 4 -7.53 22.56 8.12
N ALA D 5 -7.12 23.17 7.00
CA ALA D 5 -6.93 24.61 6.96
C ALA D 5 -7.37 25.12 5.60
N GLU D 6 -8.34 26.04 5.59
CA GLU D 6 -8.88 26.63 4.39
C GLU D 6 -8.16 27.92 4.05
N SER D 7 -8.12 28.23 2.76
CA SER D 7 -7.63 29.51 2.33
C SER D 7 -8.35 29.88 1.04
N GLY D 8 -8.19 31.13 0.63
CA GLY D 8 -8.68 31.59 -0.67
C GLY D 8 -9.91 32.46 -0.62
N GLY D 9 -10.46 32.69 0.56
CA GLY D 9 -11.59 33.59 0.71
C GLY D 9 -11.15 35.02 0.44
N GLY D 10 -12.13 35.89 0.26
CA GLY D 10 -11.78 37.27 -0.02
C GLY D 10 -13.02 38.05 -0.34
N LEU D 11 -12.77 39.30 -0.77
CA LEU D 11 -13.79 40.26 -1.15
C LEU D 11 -13.74 40.44 -2.66
N VAL D 12 -14.88 40.19 -3.32
CA VAL D 12 -14.99 40.33 -4.78
C VAL D 12 -16.31 40.99 -5.16
N GLN D 13 -16.36 41.53 -6.38
CA GLN D 13 -17.61 42.07 -6.90
C GLN D 13 -18.46 40.94 -7.48
N PRO D 14 -19.76 41.15 -7.63
CA PRO D 14 -20.60 40.12 -8.28
C PRO D 14 -20.07 39.77 -9.66
N GLY D 15 -20.09 38.47 -9.99
CA GLY D 15 -19.50 37.96 -11.23
C GLY D 15 -18.05 37.57 -11.09
N GLY D 16 -17.41 37.95 -10.00
CA GLY D 16 -16.04 37.59 -9.74
C GLY D 16 -15.95 36.11 -9.35
N SER D 17 -14.70 35.67 -9.18
CA SER D 17 -14.39 34.27 -8.88
C SER D 17 -13.48 34.18 -7.66
N LEU D 18 -13.58 33.07 -6.94
CA LEU D 18 -12.63 32.73 -5.88
C LEU D 18 -12.36 31.24 -5.97
N ARG D 19 -11.14 30.84 -5.59
CA ARG D 19 -10.77 29.42 -5.54
C ARG D 19 -10.36 29.11 -4.10
N LEU D 20 -11.22 28.40 -3.41
CA LEU D 20 -10.95 28.06 -2.03
C LEU D 20 -10.10 26.79 -1.99
N SER D 21 -9.21 26.74 -1.01
CA SER D 21 -8.35 25.58 -0.80
C SER D 21 -8.63 24.98 0.57
N CYS D 22 -8.70 23.65 0.62
CA CYS D 22 -8.76 22.88 1.87
C CYS D 22 -7.56 21.95 1.91
N VAL D 23 -6.59 22.26 2.77
CA VAL D 23 -5.36 21.47 2.91
C VAL D 23 -5.44 20.63 4.17
N ALA D 24 -5.17 19.34 4.02
CA ALA D 24 -5.18 18.40 5.13
C ALA D 24 -3.75 18.08 5.55
N SER D 25 -3.52 18.05 6.85
CA SER D 25 -2.22 17.71 7.40
C SER D 25 -2.36 16.51 8.33
N PRO D 26 -1.42 15.56 8.33
CA PRO D 26 -0.24 15.52 7.47
C PRO D 26 -0.56 15.10 6.04
N SER D 27 -1.78 14.61 5.81
CA SER D 27 -2.12 14.04 4.51
C SER D 27 -3.64 14.00 4.37
N LEU D 28 -4.10 14.15 3.12
CA LEU D 28 -5.53 14.02 2.81
C LEU D 28 -6.02 12.60 3.05
N ASP D 29 -5.18 11.61 2.78
CA ASP D 29 -5.36 10.24 3.27
C ASP D 29 -6.71 9.64 2.83
N TYR D 30 -7.18 9.99 1.64
CA TYR D 30 -8.40 9.42 1.03
C TYR D 30 -9.67 9.81 1.78
N TYR D 31 -9.62 10.82 2.64
CA TYR D 31 -10.83 11.33 3.27
C TYR D 31 -11.75 11.99 2.25
N GLY D 32 -13.04 11.77 2.39
CA GLY D 32 -14.01 12.62 1.73
C GLY D 32 -14.01 14.01 2.34
N ILE D 33 -14.31 15.01 1.51
CA ILE D 33 -14.30 16.40 1.93
C ILE D 33 -15.63 17.04 1.55
N GLY D 34 -16.21 17.73 2.52
CA GLY D 34 -17.40 18.52 2.28
C GLY D 34 -17.11 19.99 2.54
N TRP D 35 -17.72 20.84 1.73
CA TRP D 35 -17.67 22.27 1.95
C TRP D 35 -19.02 22.73 2.48
N PHE D 36 -18.99 23.54 3.53
CA PHE D 36 -20.15 24.13 4.18
C PHE D 36 -19.97 25.64 4.27
N ARG D 37 -21.08 26.36 4.44
CA ARG D 37 -21.01 27.81 4.59
C ARG D 37 -22.02 28.26 5.62
N GLN D 38 -21.67 29.34 6.30
CA GLN D 38 -22.50 29.84 7.38
C GLN D 38 -22.53 31.36 7.34
N ALA D 39 -23.72 31.92 7.36
CA ALA D 39 -23.95 33.35 7.52
C ALA D 39 -24.25 33.68 8.98
N PRO D 40 -24.09 34.94 9.39
CA PRO D 40 -24.23 35.28 10.83
C PRO D 40 -25.55 34.85 11.48
N GLY D 41 -26.68 35.10 10.84
CA GLY D 41 -27.97 34.71 11.38
C GLY D 41 -28.53 33.40 10.89
N LYS D 42 -27.72 32.54 10.25
CA LYS D 42 -28.21 31.27 9.73
C LYS D 42 -27.33 30.12 10.20
N GLU D 43 -27.88 28.91 10.15
CA GLU D 43 -27.13 27.69 10.39
C GLU D 43 -26.34 27.30 9.15
N ARG D 44 -25.28 26.52 9.37
CA ARG D 44 -24.48 26.03 8.26
C ARG D 44 -25.32 25.27 7.26
N GLU D 45 -24.89 25.29 6.01
CA GLU D 45 -25.52 24.51 4.96
C GLU D 45 -24.41 23.92 4.12
N GLY D 46 -24.61 22.66 3.73
CA GLY D 46 -23.67 22.01 2.84
C GLY D 46 -23.75 22.61 1.44
N VAL D 47 -22.60 22.72 0.80
CA VAL D 47 -22.47 23.34 -0.51
C VAL D 47 -22.04 22.33 -1.57
N SER D 48 -21.06 21.50 -1.24
CA SER D 48 -20.48 20.57 -2.18
C SER D 48 -19.65 19.54 -1.41
N CYS D 49 -19.50 18.36 -2.02
N CYS D 49 -19.49 18.36 -2.02
CA CYS D 49 -18.74 17.25 -1.43
CA CYS D 49 -18.69 17.30 -1.40
C CYS D 49 -18.02 16.49 -2.52
C CYS D 49 -18.08 16.42 -2.48
N ILE D 50 -16.97 15.78 -2.13
CA ILE D 50 -16.21 14.97 -3.05
C ILE D 50 -15.64 13.75 -2.32
N THR D 51 -15.76 12.59 -2.94
CA THR D 51 -15.31 11.34 -2.32
C THR D 51 -13.79 11.24 -2.37
N GLY D 52 -13.26 10.28 -1.61
CA GLY D 52 -11.84 10.22 -1.34
C GLY D 52 -10.98 9.55 -2.38
N SER D 53 -11.53 8.63 -3.17
CA SER D 53 -10.74 7.84 -4.09
C SER D 53 -11.22 7.88 -5.54
N GLU D 54 -12.47 8.28 -5.78
CA GLU D 54 -12.98 8.36 -7.14
C GLU D 54 -13.30 9.79 -7.59
N GLY D 55 -13.24 10.75 -6.67
CA GLY D 55 -13.58 12.13 -7.00
C GLY D 55 -15.04 12.32 -7.40
N SER D 56 -15.96 11.53 -6.86
CA SER D 56 -17.38 11.69 -7.16
C SER D 56 -17.92 12.89 -6.40
N THR D 57 -18.77 13.68 -7.06
CA THR D 57 -19.16 14.96 -6.51
C THR D 57 -20.66 15.07 -6.27
N TYR D 58 -20.99 16.00 -5.36
CA TYR D 58 -22.36 16.40 -5.09
C TYR D 58 -22.40 17.92 -4.88
N TYR D 59 -23.44 18.56 -5.40
CA TYR D 59 -23.62 20.00 -5.29
C TYR D 59 -25.01 20.35 -4.81
N ALA D 60 -25.09 21.31 -3.91
CA ALA D 60 -26.38 21.92 -3.59
C ALA D 60 -26.93 22.62 -4.82
N ASP D 61 -28.26 22.62 -4.95
CA ASP D 61 -28.90 23.22 -6.12
C ASP D 61 -28.48 24.67 -6.35
N SER D 62 -28.24 25.43 -5.27
CA SER D 62 -27.98 26.85 -5.39
C SER D 62 -26.60 27.18 -5.97
N VAL D 63 -25.71 26.20 -6.10
CA VAL D 63 -24.35 26.45 -6.57
C VAL D 63 -23.98 25.60 -7.78
N LYS D 64 -24.91 24.82 -8.31
CA LYS D 64 -24.62 23.96 -9.45
C LYS D 64 -24.10 24.75 -10.64
N GLY D 65 -23.13 24.18 -11.35
CA GLY D 65 -22.58 24.84 -12.55
C GLY D 65 -21.57 25.92 -12.23
N ARG D 66 -21.96 26.87 -11.37
CA ARG D 66 -21.06 27.94 -10.96
C ARG D 66 -19.89 27.44 -10.12
N PHE D 67 -20.13 26.47 -9.24
CA PHE D 67 -19.11 25.96 -8.33
C PHE D 67 -18.61 24.62 -8.84
N THR D 68 -17.31 24.37 -8.68
CA THR D 68 -16.71 23.09 -9.03
C THR D 68 -15.78 22.65 -7.92
N ILE D 69 -16.02 21.47 -7.39
CA ILE D 69 -15.13 20.89 -6.39
C ILE D 69 -14.21 19.87 -7.07
N SER D 70 -12.93 19.85 -6.67
CA SER D 70 -11.97 18.92 -7.23
C SER D 70 -10.91 18.56 -6.18
N ARG D 71 -10.26 17.43 -6.41
CA ARG D 71 -9.26 16.90 -5.50
C ARG D 71 -7.93 16.81 -6.22
N ASP D 72 -6.88 17.27 -5.58
CA ASP D 72 -5.53 17.10 -6.10
C ASP D 72 -4.71 16.36 -5.05
N ASN D 73 -4.64 15.03 -5.18
CA ASN D 73 -3.97 14.20 -4.18
C ASN D 73 -2.50 14.59 -4.02
N ALA D 74 -1.85 14.98 -5.11
CA ALA D 74 -0.45 15.41 -5.06
C ALA D 74 -0.29 16.66 -4.21
N LYS D 75 -1.30 17.53 -4.21
CA LYS D 75 -1.29 18.76 -3.44
C LYS D 75 -1.86 18.58 -2.03
N ASN D 76 -2.36 17.39 -1.67
CA ASN D 76 -3.07 17.19 -0.40
C ASN D 76 -4.17 18.25 -0.22
N THR D 77 -4.85 18.58 -1.30
CA THR D 77 -5.73 19.73 -1.32
C THR D 77 -7.02 19.41 -2.06
N VAL D 78 -8.15 19.85 -1.51
CA VAL D 78 -9.43 19.87 -2.20
C VAL D 78 -9.77 21.32 -2.49
N PHE D 79 -10.17 21.59 -3.73
CA PHE D 79 -10.44 22.95 -4.18
C PHE D 79 -11.94 23.13 -4.37
N LEU D 80 -12.41 24.35 -4.12
CA LEU D 80 -13.77 24.75 -4.50
C LEU D 80 -13.62 26.01 -5.36
N GLN D 81 -13.77 25.84 -6.67
CA GLN D 81 -13.75 26.95 -7.61
C GLN D 81 -15.15 27.55 -7.66
N MET D 82 -15.25 28.84 -7.35
CA MET D 82 -16.54 29.53 -7.28
C MET D 82 -16.54 30.61 -8.34
N ASP D 83 -17.31 30.41 -9.39
CA ASP D 83 -17.44 31.37 -10.48
C ASP D 83 -18.80 32.06 -10.41
N SER D 84 -18.90 33.19 -11.11
CA SER D 84 -20.15 33.93 -11.17
C SER D 84 -20.76 34.12 -9.79
N LEU D 85 -19.94 34.62 -8.87
CA LEU D 85 -20.39 34.79 -7.51
C LEU D 85 -21.49 35.84 -7.42
N LYS D 86 -22.37 35.65 -6.45
CA LYS D 86 -23.51 36.50 -6.15
C LYS D 86 -23.43 37.03 -4.74
N PRO D 87 -24.07 38.17 -4.44
CA PRO D 87 -24.13 38.63 -3.05
C PRO D 87 -24.60 37.56 -2.07
N GLU D 88 -25.55 36.71 -2.50
CA GLU D 88 -26.09 35.66 -1.65
C GLU D 88 -25.06 34.60 -1.29
N ASP D 89 -23.93 34.56 -1.97
CA ASP D 89 -22.86 33.62 -1.63
C ASP D 89 -21.98 34.10 -0.48
N THR D 90 -22.19 35.31 0.03
CA THR D 90 -21.42 35.80 1.17
C THR D 90 -21.62 34.92 2.40
N ALA D 91 -20.53 34.45 2.99
CA ALA D 91 -20.57 33.56 4.16
C ALA D 91 -19.14 33.21 4.54
N VAL D 92 -18.99 32.61 5.72
CA VAL D 92 -17.76 31.90 6.09
C VAL D 92 -17.89 30.46 5.59
N TYR D 93 -16.89 30.04 4.81
CA TYR D 93 -16.87 28.72 4.19
C TYR D 93 -15.91 27.81 4.94
N TYR D 94 -16.38 26.62 5.26
CA TYR D 94 -15.63 25.61 6.01
C TYR D 94 -15.49 24.33 5.21
N CYS D 95 -14.34 23.69 5.32
CA CYS D 95 -14.23 22.33 4.81
C CYS D 95 -14.21 21.37 5.98
N ALA D 96 -14.72 20.18 5.71
CA ALA D 96 -14.88 19.12 6.70
C ALA D 96 -14.52 17.78 6.07
N ALA D 97 -14.04 16.85 6.91
CA ALA D 97 -13.53 15.56 6.46
C ALA D 97 -14.28 14.41 7.13
N ALA D 98 -14.55 13.38 6.35
CA ALA D 98 -15.13 12.13 6.86
C ALA D 98 -14.74 11.01 5.91
N ASP D 99 -14.51 9.83 6.46
CA ASP D 99 -14.25 8.64 5.64
C ASP D 99 -15.13 7.49 6.13
N PRO D 100 -16.20 7.13 5.39
CA PRO D 100 -16.71 7.74 4.16
C PRO D 100 -17.49 9.00 4.44
N LEU D 101 -17.86 9.71 3.38
CA LEU D 101 -18.82 10.79 3.54
C LEU D 101 -20.11 10.25 4.12
N PRO D 102 -20.84 11.05 4.89
CA PRO D 102 -22.18 10.63 5.29
C PRO D 102 -23.03 10.33 4.06
N LEU D 103 -24.01 9.43 4.23
CA LEU D 103 -24.84 9.02 3.10
C LEU D 103 -25.47 10.22 2.39
N VAL D 104 -25.91 11.22 3.14
CA VAL D 104 -26.26 12.54 2.60
C VAL D 104 -25.15 13.47 3.08
N CYS D 105 -24.35 13.96 2.13
N CYS D 105 -24.30 13.92 2.16
CA CYS D 105 -23.08 14.55 2.55
CA CYS D 105 -23.06 14.55 2.61
C CYS D 105 -23.26 15.95 3.09
C CYS D 105 -23.28 15.93 3.20
N THR D 106 -24.49 16.49 3.12
CA THR D 106 -24.78 17.73 3.79
C THR D 106 -25.15 17.53 5.26
N TRP D 107 -25.07 16.29 5.77
CA TRP D 107 -25.24 16.00 7.20
C TRP D 107 -23.95 16.37 7.93
N GLY D 108 -23.81 17.67 8.23
CA GLY D 108 -22.58 18.15 8.85
C GLY D 108 -22.26 17.47 10.17
N ASP D 109 -23.28 17.10 10.94
CA ASP D 109 -23.05 16.54 12.26
C ASP D 109 -22.27 15.23 12.21
N GLU D 110 -22.22 14.57 11.06
CA GLU D 110 -21.58 13.28 10.97
C GLU D 110 -20.11 13.37 10.55
N TYR D 111 -19.64 14.55 10.15
CA TYR D 111 -18.24 14.69 9.80
C TYR D 111 -17.38 14.62 11.06
N ASP D 112 -16.11 14.22 10.89
CA ASP D 112 -15.21 14.00 12.00
C ASP D 112 -14.22 15.14 12.25
N TYR D 113 -13.88 15.93 11.24
CA TYR D 113 -12.88 16.99 11.36
C TYR D 113 -13.36 18.22 10.61
N TRP D 114 -13.06 19.40 11.16
CA TRP D 114 -13.49 20.67 10.60
C TRP D 114 -12.31 21.63 10.48
N GLY D 115 -12.36 22.48 9.46
CA GLY D 115 -11.37 23.52 9.27
C GLY D 115 -11.67 24.77 10.10
N GLN D 116 -10.95 25.85 9.77
CA GLN D 116 -11.00 27.11 10.52
C GLN D 116 -11.97 28.12 9.93
N GLY D 117 -12.36 27.93 8.69
CA GLY D 117 -13.25 28.86 8.03
C GLY D 117 -12.47 29.91 7.28
N THR D 118 -12.98 30.30 6.10
CA THR D 118 -12.42 31.38 5.30
C THR D 118 -13.56 32.30 4.90
N GLN D 119 -13.31 33.60 5.01
CA GLN D 119 -14.36 34.58 4.83
C GLN D 119 -14.55 34.91 3.36
N VAL D 120 -15.78 34.82 2.89
CA VAL D 120 -16.13 35.17 1.50
C VAL D 120 -17.15 36.30 1.54
N THR D 121 -16.84 37.41 0.86
CA THR D 121 -17.74 38.56 0.80
C THR D 121 -17.91 38.93 -0.68
N VAL D 122 -19.15 38.94 -1.15
CA VAL D 122 -19.45 39.35 -2.52
C VAL D 122 -20.30 40.60 -2.40
N SER D 123 -19.79 41.72 -2.90
CA SER D 123 -20.46 43.00 -2.71
C SER D 123 -20.20 43.93 -3.88
N SER D 124 -21.20 44.75 -4.19
CA SER D 124 -21.09 45.69 -5.31
C SER D 124 -20.34 46.95 -4.87
CL CL E . 5.81 -12.82 12.44
CL CL F . 18.13 -17.60 31.00
CL CL G . 27.88 2.50 10.82
CL CL H . 31.41 -4.30 29.26
CL CL I . 40.58 -11.73 6.00
CL CL J . 22.92 3.14 19.91
CL CL K . 29.28 1.14 -11.37
CL CL L . 11.86 17.10 8.98
CL CL M . 21.57 -11.82 -8.18
O1 MES N . 27.94 -24.23 23.43
C2 MES N . 28.68 -23.69 22.35
C3 MES N . 30.10 -24.19 22.27
N4 MES N . 30.75 -23.71 23.47
C5 MES N . 30.08 -24.08 24.72
C6 MES N . 28.73 -24.75 24.49
C7 MES N . 32.23 -23.81 23.40
C8 MES N . 32.89 -23.72 24.77
S MES N . 34.54 -23.43 24.71
O1S MES N . 35.21 -24.24 25.76
O2S MES N . 35.17 -23.77 23.42
O3S MES N . 34.77 -21.99 24.97
H21 MES N . 28.17 -23.92 21.41
H22 MES N . 28.69 -22.61 22.44
H31 MES N . 30.13 -25.28 22.23
H32 MES N . 30.61 -23.81 21.38
HN4 MES N . 30.61 -22.72 23.43
H51 MES N . 30.72 -24.75 25.29
H52 MES N . 29.94 -23.17 25.32
H61 MES N . 28.15 -24.65 25.41
H62 MES N . 28.90 -25.82 24.33
H71 MES N . 32.61 -22.99 22.77
H72 MES N . 32.51 -24.74 22.92
H81 MES N . 32.42 -22.92 25.36
H82 MES N . 32.72 -24.66 25.31
CL CL O . -27.61 7.97 12.76
CL CL P . 3.48 -8.23 8.33
CL CL Q . -5.75 1.12 -8.14
CL CL R . -29.08 -12.57 1.03
CL CL S . -28.71 2.34 18.69
CL CL T . -28.27 12.47 -11.85
CL CL U . -2.84 -26.81 -15.69
CL CL V . -7.89 6.31 -12.93
CL CL W . -12.82 1.86 13.03
S SO4 X . -29.14 -21.63 -1.29
O1 SO4 X . -28.19 -22.61 -0.75
O2 SO4 X . -29.94 -22.26 -2.34
O3 SO4 X . -28.41 -20.51 -1.88
O4 SO4 X . -29.98 -21.15 -0.20
S SO4 Y . -8.07 -19.67 -14.18
O1 SO4 Y . -9.49 -19.70 -13.84
O2 SO4 Y . -7.74 -20.79 -15.04
O3 SO4 Y . -7.77 -18.41 -14.85
O4 SO4 Y . -7.27 -19.75 -12.96
O1 MES Z . 4.76 -20.76 -29.52
C2 MES Z . 3.39 -20.93 -29.12
C3 MES Z . 2.99 -20.26 -27.82
N4 MES Z . 3.48 -18.91 -27.95
C5 MES Z . 4.93 -18.88 -27.93
C6 MES Z . 5.40 -19.51 -29.24
C7 MES Z . 2.84 -17.85 -27.15
C8 MES Z . 2.18 -18.41 -25.90
S MES Z . 1.87 -17.16 -24.83
O1S MES Z . 1.79 -15.88 -25.57
O2S MES Z . 0.58 -17.40 -24.15
O3S MES Z . 2.96 -17.08 -23.82
H21 MES Z . 2.76 -20.52 -29.92
H22 MES Z . 3.16 -22.00 -29.06
H31 MES Z . 1.91 -20.27 -27.68
H32 MES Z . 3.46 -20.76 -26.97
HN4 MES Z . 3.24 -18.66 -28.90
H51 MES Z . 5.29 -17.85 -27.87
H52 MES Z . 5.31 -19.44 -27.08
H61 MES Z . 6.47 -19.70 -29.18
H62 MES Z . 5.22 -18.82 -30.07
H71 MES Z . 2.09 -17.35 -27.76
H72 MES Z . 3.59 -17.12 -26.87
H81 MES Z . 1.25 -18.91 -26.16
H82 MES Z . 2.84 -19.14 -25.43
CL CL AA . 20.58 8.93 -18.28
CL CL BA . 22.91 14.27 -27.99
S SO4 CA . -4.71 20.97 -23.33
O1 SO4 CA . -3.97 21.07 -24.59
O2 SO4 CA . -5.27 19.64 -23.14
O3 SO4 CA . -3.77 21.26 -22.26
O4 SO4 CA . -5.80 21.96 -23.33
CL CL DA . -18.77 25.14 11.29
C1 EDO EA . -25.59 33.92 -10.99
O1 EDO EA . -24.37 34.55 -11.33
C2 EDO EA . -26.36 33.44 -12.19
O2 EDO EA . -26.27 32.02 -12.21
H11 EDO EA . -25.38 33.07 -10.33
H12 EDO EA . -26.22 34.62 -10.42
HO1 EDO EA . -23.92 34.85 -10.52
H21 EDO EA . -25.92 33.85 -13.11
H22 EDO EA . -27.40 33.76 -12.13
HO2 EDO EA . -26.76 31.67 -12.96
C1 EDO FA . -18.27 17.96 -11.10
O1 EDO FA . -17.00 17.93 -10.47
C2 EDO FA . -18.07 18.36 -12.53
O2 EDO FA . -18.11 17.16 -13.31
H11 EDO FA . -18.92 18.67 -10.59
H12 EDO FA . -18.73 16.97 -11.05
HO1 EDO FA . -17.11 17.68 -9.54
H21 EDO FA . -18.87 19.05 -12.84
H22 EDO FA . -17.11 18.87 -12.66
HO2 EDO FA . -17.98 17.39 -14.25
#